data_8T76
#
_entry.id   8T76
#
_cell.length_a   1.00
_cell.length_b   1.00
_cell.length_c   1.00
_cell.angle_alpha   90.00
_cell.angle_beta   90.00
_cell.angle_gamma   90.00
#
_symmetry.space_group_name_H-M   'P 1'
#
loop_
_entity.id
_entity.type
_entity.pdbx_description
1 polymer 'CRISPR-associated endonuclease Cas9/Csn1'
2 polymer gRNA
3 polymer TS
4 polymer NTS
#
loop_
_entity_poly.entity_id
_entity_poly.type
_entity_poly.pdbx_seq_one_letter_code
_entity_poly.pdbx_strand_id
1 'polypeptide(L)'
;EDKKYSIGLDIGTNSVGWAVITDEYKVPSKKFKVLGNTDRHSIKKNLIGALLFDSGETAERTRLKRTARRRYTRRKNRIC
YLQEIFSNEMAKVDDSFFHRLEESFLVEEDKKHERHPIFGNIVDEVAYHEKYPTIYHLRKKLVDSTDKADLRLIYLALAH
MIKFRGHFLIEGDLNPDNSDVDKLFIQLVQTYNQLFEENPINASGVDAKAILSARLSKSRRLENLIAQLPGEKKNGLFGN
LIALSLGLTPNFKSNFDLAEDAKLQLSKDTYDDDLDNLLAQIGDQYADLFLAAKNLSDAILLSDILRVNTEITKAPLSAS
MIKRYDEHHQDLTLLKALVRQQLPEKYKEIFFDQSKNGYAGYIDGGASQEEFYKFIKPILEKMDGTEELLVKLNREDLLR
KQRTFDNGSIPHQIHLGELHAILRRQEDFYPFLKDNREKIEKILTFRIPYYVGPLARGNSRFAWMTRKSEETITPWNFEE
VVDKGASAQSFIERMTNFDKNLPNEKVLPKHSLLYEYFTVYNELTKVKYVTEGMRKPAFLSGEQKKAIVDLLFKTNRKVT
VKQLKEDYFKKIECFDSVEISGVEDRFNASLGTYHDLLKIIKDKDFLDNEENEDILEDIVLTLTLFEDREMIEERLKTYA
HLFDDKVMKQLKRRRYTGWGRLSRKLINGIRDKQSGKTILDFLKSDGFANRNFMQLIHDDSLTFKEDIQKAQVSGQGDSL
HEHIANLAGSPAIKKGILQTVKVVDELVKVMGRHKPENIVIEMARENQTTQKGQKNSRERMKRIEEGIKELGSQILKEHP
VENTQLQNEKLYLYYLQNGRDMYVDQELDINRLSDYDVDHIVPQSFLKDDSIDNKVLTRSDKNRGKSDNVPSEEVVKKMK
NYWRQLLNAKLITQRKFDNLTKAERGGLSELDKAGFIKRQLVETRQITKHVAQILDSRMNTKYDENDKLIREVKVITLKS
KLVSDFRKDFQFYKVREINNYHHAHDAYLNAVVGTALIKKYPKLESEFVYGDYKVYDVRKMIAKSEQEIGKATAKYFFYS
NIMNFFKTEITLANGEIRKRPLIETNGETGEIVWDKGRDFATVRKVLSMPQVNIVKKTEVQTGGFSKESIRPKRNSDKLI
ARKKDWDPKKYGGFLWPTVAYSVLVVAKVEKGKSKKLKSVKELLGITIMERSSFEKNPIDFLEAKGYKEVKKDLIIKLPK
YSLFELENGRKRMLASAKQLQKGNELALPSKYVNFLYLASHYEKLKGSPEDNEQKQLFVEQHKHYLDEIIEQISEFSKRV
ILADANLDKVLSAYNKHRDKPIREQAENIIHLFTLTRLGAPRAFKYFDTTIDPKQYRSTKEVLDATLIHQSITGLYETRI
DLSQLGGDG
;
A
2 'polyribonucleotide'
;GAUGAGACGCGUUUUAGAGCUAGAAAUAGCAAGUUAAAAUAAGGCUAGUCCGUUAUCAACUUGAAAAAGUGGCACCGAGU
CGGUGCUU
;
B
3 'polydeoxyribonucleotide' (DT)(DT)(DG)(DT)(DA)(DC)(DT)(DG)(DT)(DA)(DG)(DC)(DG) C
4 'polydeoxyribonucleotide' (DT)(DA)(DC)(DA)(DG)(DT)(DA)(DC)(DA)(DA) D
#
# COMPACT_ATOMS: atom_id res chain seq x y z
N LYS A 3 16.90 36.35 30.02
CA LYS A 3 17.99 35.81 29.21
C LYS A 3 17.60 34.46 28.62
N LYS A 4 17.50 33.47 29.49
CA LYS A 4 17.22 32.10 29.06
C LYS A 4 15.76 31.98 28.61
N TYR A 5 15.51 30.95 27.81
CA TYR A 5 14.19 30.72 27.24
C TYR A 5 14.01 29.23 27.01
N SER A 6 12.77 28.83 26.78
CA SER A 6 12.43 27.45 26.48
C SER A 6 11.61 27.38 25.20
N ILE A 7 11.78 26.29 24.46
CA ILE A 7 11.03 26.03 23.23
C ILE A 7 10.17 24.79 23.44
N GLY A 8 8.89 24.91 23.11
CA GLY A 8 7.97 23.78 23.17
C GLY A 8 7.55 23.37 21.76
N LEU A 9 7.50 22.06 21.54
CA LEU A 9 7.17 21.51 20.22
C LEU A 9 5.95 20.61 20.32
N ASP A 10 5.25 20.48 19.19
CA ASP A 10 4.19 19.47 19.03
C ASP A 10 4.22 19.01 17.58
N ILE A 11 4.66 17.76 17.37
CA ILE A 11 4.89 17.21 16.05
C ILE A 11 3.70 16.34 15.66
N GLY A 12 3.21 16.53 14.43
CA GLY A 12 2.19 15.68 13.87
C GLY A 12 2.58 15.22 12.48
N THR A 13 1.67 14.47 11.85
CA THR A 13 1.94 14.01 10.50
C THR A 13 1.85 15.14 9.48
N ASN A 14 0.99 16.13 9.74
CA ASN A 14 0.82 17.26 8.84
C ASN A 14 1.17 18.60 9.46
N SER A 15 1.59 18.64 10.73
CA SER A 15 1.79 19.91 11.41
C SER A 15 2.92 19.79 12.41
N VAL A 16 3.68 20.87 12.55
CA VAL A 16 4.75 20.99 13.55
C VAL A 16 4.49 22.30 14.28
N GLY A 17 4.00 22.22 15.51
CA GLY A 17 3.77 23.40 16.33
C GLY A 17 4.98 23.73 17.18
N TRP A 18 5.24 25.02 17.33
CA TRP A 18 6.41 25.52 18.05
C TRP A 18 6.06 26.79 18.80
N ALA A 19 6.70 27.00 19.95
CA ALA A 19 6.49 28.20 20.74
C ALA A 19 7.68 28.46 21.66
N VAL A 20 7.93 29.74 21.95
CA VAL A 20 8.98 30.17 22.88
C VAL A 20 8.34 30.78 24.11
N ILE A 21 8.76 30.33 25.29
CA ILE A 21 8.36 30.90 26.56
C ILE A 21 9.61 31.32 27.32
N THR A 22 9.43 32.28 28.21
CA THR A 22 10.48 32.67 29.15
C THR A 22 10.29 31.88 30.45
N ASP A 23 11.01 32.27 31.50
CA ASP A 23 10.76 31.71 32.82
C ASP A 23 9.49 32.24 33.46
N GLU A 24 8.89 33.29 32.91
CA GLU A 24 7.62 33.83 33.37
C GLU A 24 6.44 33.32 32.55
N TYR A 25 6.65 32.28 31.74
CA TYR A 25 5.61 31.64 30.93
C TYR A 25 4.99 32.59 29.91
N LYS A 26 5.77 33.59 29.48
CA LYS A 26 5.32 34.59 28.53
C LYS A 26 6.03 34.40 27.18
N VAL A 27 5.28 34.59 26.11
CA VAL A 27 5.83 34.50 24.75
C VAL A 27 6.34 35.86 24.36
N PRO A 28 7.64 36.02 24.06
CA PRO A 28 8.16 37.33 23.70
C PRO A 28 7.68 37.77 22.32
N SER A 29 7.80 39.08 22.09
CA SER A 29 7.45 39.69 20.81
C SER A 29 8.57 40.61 20.38
N LYS A 30 9.02 40.49 19.13
CA LYS A 30 10.19 41.20 18.65
C LYS A 30 9.90 41.82 17.29
N LYS A 31 10.60 42.93 17.00
CA LYS A 31 10.42 43.69 15.76
C LYS A 31 11.36 43.12 14.69
N PHE A 32 10.82 42.24 13.86
CA PHE A 32 11.62 41.55 12.86
C PHE A 32 11.76 42.35 11.57
N LYS A 33 13.00 42.44 11.08
CA LYS A 33 13.30 43.13 9.83
C LYS A 33 12.72 42.37 8.64
N VAL A 34 12.25 43.13 7.65
CA VAL A 34 11.63 42.57 6.46
C VAL A 34 12.28 43.21 5.24
N LEU A 35 12.79 42.37 4.34
CA LEU A 35 13.47 42.84 3.14
C LEU A 35 12.44 43.06 2.03
N GLY A 36 12.92 43.30 0.81
CA GLY A 36 12.05 43.56 -0.32
C GLY A 36 11.87 45.03 -0.58
N ASN A 37 11.13 45.32 -1.65
CA ASN A 37 10.91 46.68 -2.12
C ASN A 37 9.70 47.35 -1.50
N THR A 38 9.03 46.70 -0.54
CA THR A 38 7.84 47.27 0.05
C THR A 38 8.17 48.41 1.00
N ASP A 39 7.12 49.13 1.41
CA ASP A 39 7.27 50.24 2.34
C ASP A 39 7.63 49.70 3.72
N ARG A 40 7.10 48.53 4.08
CA ARG A 40 7.34 47.95 5.40
C ARG A 40 8.79 47.55 5.55
N HIS A 41 9.41 47.97 6.66
CA HIS A 41 10.77 47.58 6.98
C HIS A 41 10.87 46.68 8.21
N SER A 42 9.89 46.73 9.11
CA SER A 42 9.92 45.91 10.30
C SER A 42 8.50 45.68 10.79
N ILE A 43 8.17 44.43 11.09
CA ILE A 43 6.87 44.05 11.62
C ILE A 43 7.05 43.39 12.98
N LYS A 44 6.20 43.78 13.93
CA LYS A 44 6.18 43.13 15.24
C LYS A 44 5.57 41.75 15.12
N LYS A 45 6.30 40.72 15.59
CA LYS A 45 5.84 39.34 15.51
C LYS A 45 6.07 38.63 16.84
N ASN A 46 5.20 37.65 17.11
CA ASN A 46 5.29 36.83 18.31
C ASN A 46 6.01 35.53 17.98
N LEU A 47 6.73 35.00 18.96
CA LEU A 47 7.46 33.73 18.79
C LEU A 47 6.59 32.54 19.12
N ILE A 48 5.48 32.42 18.42
CA ILE A 48 4.58 31.29 18.55
C ILE A 48 3.90 31.06 17.20
N GLY A 49 3.81 29.80 16.79
CA GLY A 49 3.20 29.51 15.51
C GLY A 49 3.24 28.03 15.22
N ALA A 50 2.89 27.70 13.98
CA ALA A 50 2.84 26.31 13.56
C ALA A 50 3.16 26.23 12.08
N LEU A 51 3.82 25.14 11.69
CA LEU A 51 4.12 24.85 10.29
C LEU A 51 3.13 23.81 9.81
N LEU A 52 2.49 24.09 8.67
CA LEU A 52 1.57 23.15 8.05
C LEU A 52 2.16 22.69 6.71
N PHE A 53 2.03 21.39 6.42
CA PHE A 53 2.70 20.81 5.27
C PHE A 53 1.97 19.55 4.83
N ASP A 54 2.27 19.12 3.60
CA ASP A 54 1.72 17.89 3.06
C ASP A 54 2.26 16.67 3.79
N SER A 55 1.45 15.61 3.84
CA SER A 55 1.88 14.36 4.44
C SER A 55 2.98 13.70 3.62
N GLY A 56 3.94 13.09 4.31
CA GLY A 56 5.00 12.36 3.65
C GLY A 56 4.53 10.99 3.21
N GLU A 57 4.71 10.68 1.93
CA GLU A 57 4.20 9.45 1.34
C GLU A 57 5.23 8.33 1.44
N THR A 58 4.71 7.12 1.62
CA THR A 58 5.54 5.93 1.49
C THR A 58 5.91 5.69 0.03
N ALA A 59 7.03 4.99 -0.17
CA ALA A 59 7.53 4.70 -1.51
C ALA A 59 6.73 3.61 -2.23
N GLU A 60 5.62 3.13 -1.65
CA GLU A 60 4.93 1.94 -2.16
C GLU A 60 4.40 2.13 -3.57
N ARG A 61 3.67 3.23 -3.82
CA ARG A 61 3.08 3.48 -5.14
C ARG A 61 4.16 3.62 -6.21
N THR A 62 5.26 4.30 -5.86
CA THR A 62 6.42 4.36 -6.74
C THR A 62 6.95 2.97 -7.04
N ARG A 63 6.97 2.09 -6.02
CA ARG A 63 7.48 0.73 -6.23
C ARG A 63 6.58 -0.06 -7.17
N LEU A 64 5.25 0.06 -7.02
CA LEU A 64 4.33 -0.62 -7.92
C LEU A 64 4.49 -0.14 -9.37
N LYS A 65 4.59 1.18 -9.56
CA LYS A 65 4.77 1.71 -10.90
C LYS A 65 6.11 1.27 -11.50
N ARG A 66 7.16 1.27 -10.68
CA ARG A 66 8.47 0.77 -11.07
C ARG A 66 8.41 -0.69 -11.52
N THR A 67 7.76 -1.54 -10.72
CA THR A 67 7.66 -2.95 -11.04
C THR A 67 6.88 -3.17 -12.33
N ALA A 68 5.75 -2.48 -12.46
CA ALA A 68 4.95 -2.59 -13.68
C ALA A 68 5.73 -2.13 -14.91
N ARG A 69 6.49 -1.04 -14.77
CA ARG A 69 7.29 -0.53 -15.87
C ARG A 69 8.37 -1.53 -16.28
N ARG A 70 9.02 -2.17 -15.30
CA ARG A 70 9.95 -3.25 -15.59
C ARG A 70 9.25 -4.40 -16.32
N ARG A 71 8.05 -4.77 -15.87
CA ARG A 71 7.30 -5.86 -16.50
C ARG A 71 6.99 -5.55 -17.96
N TYR A 72 6.54 -4.33 -18.25
CA TYR A 72 6.28 -3.95 -19.65
C TYR A 72 7.56 -3.95 -20.48
N THR A 73 8.67 -3.45 -19.91
CA THR A 73 9.94 -3.46 -20.63
C THR A 73 10.39 -4.87 -20.97
N ARG A 74 10.28 -5.78 -20.00
CA ARG A 74 10.71 -7.16 -20.21
C ARG A 74 9.78 -7.91 -21.16
N ARG A 75 8.47 -7.60 -21.11
CA ARG A 75 7.52 -8.18 -22.06
C ARG A 75 7.85 -7.77 -23.50
N LYS A 76 8.13 -6.47 -23.70
CA LYS A 76 8.54 -5.99 -25.01
C LYS A 76 9.86 -6.64 -25.41
N ASN A 77 10.75 -6.88 -24.45
CA ASN A 77 12.01 -7.52 -24.77
C ASN A 77 11.81 -8.98 -25.18
N ARG A 78 10.86 -9.68 -24.57
CA ARG A 78 10.52 -11.04 -25.01
C ARG A 78 10.02 -11.03 -26.45
N ILE A 79 9.13 -10.07 -26.77
CA ILE A 79 8.63 -9.94 -28.13
C ILE A 79 9.77 -9.65 -29.10
N CYS A 80 10.72 -8.82 -28.68
CA CYS A 80 11.88 -8.50 -29.50
C CYS A 80 12.77 -9.73 -29.70
N TYR A 81 12.93 -10.56 -28.67
CA TYR A 81 13.72 -11.77 -28.80
C TYR A 81 13.09 -12.73 -29.80
N LEU A 82 11.77 -12.90 -29.71
CA LEU A 82 11.08 -13.77 -30.65
C LEU A 82 11.15 -13.22 -32.07
N GLN A 83 11.04 -11.89 -32.22
CA GLN A 83 11.18 -11.26 -33.52
C GLN A 83 12.58 -11.47 -34.08
N GLU A 84 13.60 -11.37 -33.23
CA GLU A 84 14.98 -11.61 -33.63
C GLU A 84 15.16 -13.04 -34.14
N ILE A 85 14.55 -14.01 -33.44
CA ILE A 85 14.61 -15.40 -33.89
C ILE A 85 13.92 -15.56 -35.25
N PHE A 86 12.72 -14.97 -35.41
CA PHE A 86 11.98 -15.14 -36.66
C PHE A 86 12.59 -14.38 -37.84
N SER A 87 13.36 -13.32 -37.59
CA SER A 87 13.70 -12.31 -38.60
C SER A 87 14.32 -12.89 -39.86
N ASN A 88 15.34 -13.74 -39.69
CA ASN A 88 16.14 -14.24 -40.81
C ASN A 88 15.31 -15.04 -41.81
N GLU A 89 14.25 -15.70 -41.34
CA GLU A 89 13.40 -16.44 -42.26
C GLU A 89 12.15 -15.67 -42.67
N MET A 90 11.46 -15.03 -41.72
CA MET A 90 10.17 -14.43 -42.05
C MET A 90 10.36 -13.17 -42.89
N ALA A 91 11.49 -12.48 -42.73
CA ALA A 91 11.79 -11.33 -43.58
C ALA A 91 11.86 -11.71 -45.05
N LYS A 92 12.18 -12.97 -45.35
CA LYS A 92 12.03 -13.50 -46.70
C LYS A 92 10.59 -13.86 -47.01
N VAL A 93 9.82 -14.30 -46.00
CA VAL A 93 8.42 -14.64 -46.21
C VAL A 93 7.59 -13.38 -46.48
N ASP A 94 7.82 -12.32 -45.70
CA ASP A 94 7.05 -11.09 -45.83
C ASP A 94 8.00 -9.96 -45.47
N ASP A 95 8.27 -9.08 -46.44
CA ASP A 95 9.30 -8.06 -46.29
C ASP A 95 8.99 -7.01 -45.23
N SER A 96 7.72 -6.77 -44.91
CA SER A 96 7.37 -5.64 -44.05
C SER A 96 6.34 -6.06 -43.00
N PHE A 97 6.54 -7.22 -42.38
CA PHE A 97 5.53 -7.76 -41.46
C PHE A 97 5.65 -7.15 -40.06
N PHE A 98 6.87 -7.19 -39.49
CA PHE A 98 7.10 -6.53 -38.20
C PHE A 98 6.87 -5.02 -38.28
N HIS A 99 7.17 -4.41 -39.42
CA HIS A 99 6.94 -2.97 -39.55
C HIS A 99 5.44 -2.65 -39.52
N ARG A 100 4.63 -3.48 -40.19
CA ARG A 100 3.18 -3.28 -40.14
C ARG A 100 2.63 -3.54 -38.75
N LEU A 101 3.14 -4.56 -38.06
CA LEU A 101 2.70 -4.79 -36.68
C LEU A 101 3.13 -3.66 -35.76
N GLU A 102 4.26 -3.01 -36.07
CA GLU A 102 4.70 -1.87 -35.27
C GLU A 102 3.82 -0.65 -35.52
N GLU A 103 3.45 -0.39 -36.77
CA GLU A 103 2.68 0.80 -37.12
C GLU A 103 1.19 0.55 -37.21
N SER A 104 0.72 -0.61 -36.71
CA SER A 104 -0.71 -0.89 -36.65
C SER A 104 -1.48 0.15 -35.85
N PHE A 105 -0.83 0.75 -34.85
CA PHE A 105 -1.50 1.76 -34.02
C PHE A 105 -1.83 3.02 -34.80
N LEU A 106 -1.09 3.30 -35.87
CA LEU A 106 -1.20 4.59 -36.55
C LEU A 106 -2.44 4.68 -37.41
N VAL A 107 -2.96 5.91 -37.53
CA VAL A 107 -3.94 6.24 -38.56
C VAL A 107 -3.31 5.98 -39.94
N GLU A 108 -4.15 5.64 -40.92
CA GLU A 108 -3.72 5.31 -42.29
C GLU A 108 -2.84 6.38 -42.90
N GLU A 109 -3.08 7.66 -42.57
CA GLU A 109 -2.30 8.73 -43.15
C GLU A 109 -0.91 8.83 -42.50
N ASP A 110 -0.77 8.38 -41.24
CA ASP A 110 0.55 8.12 -40.66
C ASP A 110 1.12 6.76 -41.03
N LYS A 111 0.34 5.88 -41.65
CA LYS A 111 0.79 4.53 -41.93
C LYS A 111 1.46 4.50 -43.29
N LYS A 112 2.75 4.17 -43.31
CA LYS A 112 3.50 4.12 -44.55
C LYS A 112 3.10 2.93 -45.42
N HIS A 113 2.79 1.80 -44.79
CA HIS A 113 2.43 0.59 -45.51
C HIS A 113 0.91 0.42 -45.53
N GLU A 114 0.46 -0.76 -45.97
CA GLU A 114 -0.96 -1.03 -46.08
C GLU A 114 -1.61 -1.11 -44.70
N ARG A 115 -2.91 -0.79 -44.65
CA ARG A 115 -3.62 -0.68 -43.39
C ARG A 115 -3.91 -2.03 -42.74
N HIS A 116 -3.85 -3.12 -43.50
CA HIS A 116 -4.09 -4.45 -42.96
C HIS A 116 -2.80 -5.01 -42.38
N PRO A 117 -2.73 -5.31 -41.08
CA PRO A 117 -1.44 -5.62 -40.46
C PRO A 117 -0.87 -6.96 -40.88
N ILE A 118 -1.71 -7.99 -41.01
CA ILE A 118 -1.20 -9.35 -41.13
C ILE A 118 -0.78 -9.66 -42.55
N PHE A 119 -1.72 -9.59 -43.50
CA PHE A 119 -1.41 -9.92 -44.88
C PHE A 119 -1.14 -8.71 -45.75
N GLY A 120 -1.67 -7.54 -45.41
CA GLY A 120 -1.50 -6.37 -46.23
C GLY A 120 -2.43 -6.28 -47.42
N ASN A 121 -3.27 -7.29 -47.63
CA ASN A 121 -4.26 -7.30 -48.69
C ASN A 121 -5.59 -7.58 -48.01
N ILE A 122 -6.66 -6.95 -48.49
CA ILE A 122 -7.94 -7.03 -47.80
C ILE A 122 -8.57 -8.41 -47.96
N VAL A 123 -8.34 -9.08 -49.08
CA VAL A 123 -8.98 -10.37 -49.34
C VAL A 123 -8.45 -11.44 -48.38
N ASP A 124 -7.11 -11.49 -48.22
CA ASP A 124 -6.52 -12.46 -47.31
C ASP A 124 -6.83 -12.14 -45.85
N GLU A 125 -6.95 -10.85 -45.52
CA GLU A 125 -7.32 -10.47 -44.15
C GLU A 125 -8.75 -10.90 -43.83
N VAL A 126 -9.68 -10.68 -44.77
CA VAL A 126 -11.05 -11.13 -44.58
C VAL A 126 -11.11 -12.65 -44.51
N ALA A 127 -10.31 -13.34 -45.32
CA ALA A 127 -10.25 -14.80 -45.26
C ALA A 127 -9.72 -15.29 -43.92
N TYR A 128 -8.71 -14.59 -43.38
CA TYR A 128 -8.19 -14.92 -42.05
C TYR A 128 -9.26 -14.74 -40.98
N HIS A 129 -9.98 -13.62 -41.03
CA HIS A 129 -10.95 -13.34 -39.97
C HIS A 129 -12.19 -14.22 -40.09
N GLU A 130 -12.51 -14.69 -41.30
CA GLU A 130 -13.59 -15.65 -41.45
C GLU A 130 -13.16 -17.04 -41.00
N LYS A 131 -11.92 -17.44 -41.33
CA LYS A 131 -11.46 -18.76 -40.95
C LYS A 131 -11.14 -18.83 -39.45
N TYR A 132 -10.51 -17.79 -38.91
CA TYR A 132 -10.15 -17.72 -37.50
C TYR A 132 -10.74 -16.45 -36.92
N PRO A 133 -11.94 -16.52 -36.33
CA PRO A 133 -12.53 -15.31 -35.74
C PRO A 133 -11.83 -14.86 -34.47
N THR A 134 -11.16 -15.77 -33.76
CA THR A 134 -10.32 -15.41 -32.62
C THR A 134 -8.93 -15.99 -32.83
N ILE A 135 -8.01 -15.64 -31.94
CA ILE A 135 -6.66 -16.18 -31.99
C ILE A 135 -6.65 -17.65 -31.58
N TYR A 136 -7.62 -18.07 -30.75
CA TYR A 136 -7.65 -19.43 -30.25
C TYR A 136 -7.92 -20.43 -31.35
N HIS A 137 -8.71 -20.05 -32.35
CA HIS A 137 -8.92 -20.91 -33.51
C HIS A 137 -7.62 -21.18 -34.25
N LEU A 138 -6.82 -20.13 -34.47
CA LEU A 138 -5.52 -20.28 -35.11
C LEU A 138 -4.59 -21.14 -34.26
N ARG A 139 -4.60 -20.93 -32.94
CA ARG A 139 -3.79 -21.73 -32.03
C ARG A 139 -4.14 -23.21 -32.11
N LYS A 140 -5.44 -23.51 -32.02
CA LYS A 140 -5.88 -24.90 -32.07
C LYS A 140 -5.59 -25.56 -33.41
N LYS A 141 -5.74 -24.79 -34.51
CA LYS A 141 -5.41 -25.37 -35.82
C LYS A 141 -3.93 -25.67 -35.92
N LEU A 142 -3.08 -24.74 -35.49
CA LEU A 142 -1.63 -24.95 -35.56
C LEU A 142 -1.19 -26.11 -34.68
N VAL A 143 -1.88 -26.33 -33.56
CA VAL A 143 -1.61 -27.53 -32.78
C VAL A 143 -2.10 -28.79 -33.52
N ASP A 144 -3.24 -28.70 -34.19
CA ASP A 144 -3.92 -29.89 -34.70
C ASP A 144 -3.76 -30.13 -36.19
N SER A 145 -2.90 -29.38 -36.88
CA SER A 145 -2.71 -29.55 -38.31
C SER A 145 -1.29 -30.00 -38.60
N THR A 146 -1.15 -30.98 -39.49
CA THR A 146 0.15 -31.47 -39.93
C THR A 146 0.62 -30.86 -41.24
N ASP A 147 -0.24 -30.10 -41.92
CA ASP A 147 0.15 -29.51 -43.20
C ASP A 147 1.01 -28.28 -42.98
N LYS A 148 1.65 -27.83 -44.06
CA LYS A 148 2.52 -26.66 -43.99
C LYS A 148 1.69 -25.40 -43.78
N ALA A 149 1.96 -24.70 -42.68
CA ALA A 149 1.23 -23.49 -42.35
C ALA A 149 2.08 -22.26 -42.68
N ASP A 150 1.40 -21.13 -42.83
CA ASP A 150 2.08 -19.89 -43.16
C ASP A 150 2.82 -19.41 -41.93
N LEU A 151 4.09 -19.01 -42.12
CA LEU A 151 5.00 -18.73 -41.01
C LEU A 151 4.53 -17.55 -40.16
N ARG A 152 3.87 -16.56 -40.78
CA ARG A 152 3.43 -15.40 -40.02
C ARG A 152 2.37 -15.76 -39.01
N LEU A 153 1.45 -16.66 -39.37
CA LEU A 153 0.41 -17.09 -38.43
C LEU A 153 1.01 -17.85 -37.26
N ILE A 154 2.06 -18.63 -37.54
CA ILE A 154 2.86 -19.25 -36.48
C ILE A 154 3.43 -18.18 -35.57
N TYR A 155 3.91 -17.08 -36.17
CA TYR A 155 4.47 -16.00 -35.36
C TYR A 155 3.41 -15.34 -34.49
N LEU A 156 2.21 -15.08 -35.02
CA LEU A 156 1.16 -14.52 -34.16
C LEU A 156 0.77 -15.49 -33.04
N ALA A 157 0.74 -16.78 -33.34
CA ALA A 157 0.40 -17.76 -32.30
C ALA A 157 1.43 -17.73 -31.16
N LEU A 158 2.71 -17.85 -31.49
CA LEU A 158 3.72 -17.84 -30.43
C LEU A 158 3.92 -16.46 -29.83
N ALA A 159 3.63 -15.39 -30.56
CA ALA A 159 3.74 -14.05 -29.98
C ALA A 159 2.62 -13.76 -29.00
N HIS A 160 1.40 -14.20 -29.31
CA HIS A 160 0.31 -14.16 -28.36
C HIS A 160 0.63 -15.03 -27.15
N MET A 161 1.26 -16.18 -27.37
CA MET A 161 1.54 -17.08 -26.26
C MET A 161 2.68 -16.58 -25.38
N ILE A 162 3.69 -15.92 -25.97
CA ILE A 162 4.81 -15.41 -25.21
C ILE A 162 4.47 -14.11 -24.49
N LYS A 163 3.74 -13.22 -25.17
CA LYS A 163 3.29 -11.98 -24.52
C LYS A 163 2.38 -12.27 -23.35
N PHE A 164 1.29 -12.98 -23.60
CA PHE A 164 0.32 -13.32 -22.55
C PHE A 164 0.59 -14.76 -22.14
N ARG A 165 1.55 -14.92 -21.22
CA ARG A 165 2.16 -16.22 -20.95
C ARG A 165 1.64 -16.94 -19.71
N GLY A 166 0.83 -16.30 -18.87
CA GLY A 166 0.29 -16.96 -17.69
C GLY A 166 1.28 -17.09 -16.54
N HIS A 167 0.79 -17.66 -15.44
CA HIS A 167 1.42 -17.52 -14.14
C HIS A 167 2.42 -18.64 -13.86
N PHE A 168 3.18 -18.45 -12.77
CA PHE A 168 4.21 -19.39 -12.31
C PHE A 168 3.96 -19.82 -10.86
N LEU A 169 2.72 -19.79 -10.40
CA LEU A 169 2.39 -20.22 -9.05
C LEU A 169 2.57 -21.72 -8.84
N ILE A 170 2.56 -22.52 -9.90
CA ILE A 170 2.78 -23.96 -9.80
C ILE A 170 4.16 -24.27 -10.38
N GLU A 171 4.91 -25.10 -9.66
CA GLU A 171 6.26 -25.46 -10.06
C GLU A 171 6.27 -26.77 -10.83
N GLY A 172 7.32 -26.95 -11.63
CA GLY A 172 7.45 -28.16 -12.42
C GLY A 172 6.43 -28.21 -13.55
N ASP A 173 6.24 -29.42 -14.06
CA ASP A 173 5.28 -29.66 -15.14
C ASP A 173 3.93 -30.09 -14.57
N LEU A 174 2.87 -29.80 -15.33
CA LEU A 174 1.54 -30.25 -14.97
C LEU A 174 1.36 -31.71 -15.38
N ASN A 175 0.44 -32.39 -14.68
CA ASN A 175 0.10 -33.77 -14.99
C ASN A 175 -1.34 -34.02 -14.63
N PRO A 176 -1.98 -35.05 -15.21
CA PRO A 176 -3.30 -35.46 -14.72
C PRO A 176 -3.27 -35.98 -13.30
N ASP A 177 -2.10 -36.38 -12.78
CA ASP A 177 -1.97 -36.80 -11.39
C ASP A 177 -2.21 -35.65 -10.41
N ASN A 178 -2.23 -34.40 -10.87
CA ASN A 178 -2.64 -33.26 -10.06
C ASN A 178 -3.94 -32.62 -10.54
N SER A 179 -4.25 -32.70 -11.84
CA SER A 179 -5.41 -32.04 -12.41
C SER A 179 -6.66 -32.93 -12.42
N ASP A 180 -6.50 -34.20 -12.80
CA ASP A 180 -7.64 -35.11 -12.82
C ASP A 180 -7.99 -35.49 -11.39
N VAL A 181 -9.18 -35.09 -10.97
CA VAL A 181 -9.64 -35.19 -9.58
C VAL A 181 -9.68 -36.64 -9.10
N ASP A 182 -9.90 -37.58 -10.02
CA ASP A 182 -10.17 -38.97 -9.66
C ASP A 182 -8.98 -39.63 -8.95
N LYS A 183 -7.76 -39.36 -9.42
CA LYS A 183 -6.58 -40.00 -8.83
C LYS A 183 -6.34 -39.53 -7.40
N LEU A 184 -6.48 -38.21 -7.16
CA LEU A 184 -6.30 -37.70 -5.81
C LEU A 184 -7.46 -38.11 -4.91
N PHE A 185 -8.66 -38.32 -5.47
CA PHE A 185 -9.75 -38.91 -4.69
C PHE A 185 -9.41 -40.34 -4.28
N ILE A 186 -8.79 -41.10 -5.19
CA ILE A 186 -8.33 -42.45 -4.86
C ILE A 186 -7.30 -42.41 -3.75
N GLN A 187 -6.36 -41.46 -3.83
CA GLN A 187 -5.35 -41.31 -2.78
C GLN A 187 -5.98 -40.94 -1.44
N LEU A 188 -6.96 -40.03 -1.46
CA LEU A 188 -7.63 -39.61 -0.23
C LEU A 188 -8.44 -40.73 0.40
N VAL A 189 -9.16 -41.51 -0.41
CA VAL A 189 -9.89 -42.62 0.20
C VAL A 189 -8.92 -43.69 0.68
N GLN A 190 -7.77 -43.86 0.01
CA GLN A 190 -6.76 -44.81 0.46
C GLN A 190 -6.19 -44.42 1.83
N THR A 191 -5.89 -43.13 2.02
CA THR A 191 -5.34 -42.72 3.30
C THR A 191 -6.41 -42.74 4.39
N TYR A 192 -7.69 -42.55 4.03
CA TYR A 192 -8.72 -42.67 5.05
C TYR A 192 -8.83 -44.13 5.51
N ASN A 193 -8.79 -45.06 4.55
CA ASN A 193 -8.88 -46.48 4.85
C ASN A 193 -7.70 -46.94 5.70
N GLN A 194 -6.49 -46.47 5.40
CA GLN A 194 -5.37 -46.81 6.27
C GLN A 194 -5.42 -46.05 7.60
N LEU A 195 -6.19 -44.97 7.67
CA LEU A 195 -6.37 -44.30 8.96
C LEU A 195 -7.24 -45.11 9.91
N PHE A 196 -8.30 -45.77 9.41
CA PHE A 196 -9.12 -46.58 10.31
C PHE A 196 -9.05 -48.08 10.06
N GLU A 197 -9.39 -48.56 8.84
CA GLU A 197 -9.37 -49.96 8.41
C GLU A 197 -10.49 -50.79 9.04
N GLU A 198 -11.27 -50.21 9.96
CA GLU A 198 -12.57 -50.76 10.32
C GLU A 198 -13.65 -49.95 9.62
N ASN A 199 -14.48 -50.62 8.84
CA ASN A 199 -15.48 -50.01 7.96
C ASN A 199 -14.94 -48.89 7.07
N PRO A 200 -14.11 -49.22 6.08
CA PRO A 200 -13.73 -48.22 5.08
C PRO A 200 -14.81 -48.05 4.01
N ILE A 201 -14.84 -46.86 3.40
CA ILE A 201 -15.48 -46.74 2.09
C ILE A 201 -14.43 -46.84 0.98
N ASN A 202 -14.21 -48.06 0.51
CA ASN A 202 -13.39 -48.28 -0.65
C ASN A 202 -14.15 -47.87 -1.90
N ALA A 203 -13.51 -47.09 -2.77
CA ALA A 203 -14.19 -46.55 -3.94
C ALA A 203 -13.17 -46.29 -5.04
N SER A 204 -13.67 -46.24 -6.26
CA SER A 204 -12.84 -45.91 -7.42
C SER A 204 -12.82 -44.39 -7.61
N GLY A 205 -12.39 -43.95 -8.78
CA GLY A 205 -12.37 -42.53 -9.10
C GLY A 205 -13.78 -41.97 -9.27
N VAL A 206 -13.85 -40.64 -9.31
CA VAL A 206 -15.13 -39.93 -9.38
C VAL A 206 -15.17 -39.10 -10.65
N ASP A 207 -16.37 -38.95 -11.22
CA ASP A 207 -16.59 -38.19 -12.44
C ASP A 207 -16.82 -36.71 -12.13
N ALA A 208 -15.72 -36.07 -11.68
CA ALA A 208 -15.78 -34.74 -11.10
C ALA A 208 -16.35 -33.68 -12.05
N LYS A 209 -16.23 -33.93 -13.36
CA LYS A 209 -16.71 -33.04 -14.42
C LYS A 209 -18.17 -32.62 -14.25
N ALA A 210 -18.96 -33.43 -13.56
CA ALA A 210 -20.30 -33.05 -13.13
C ALA A 210 -20.44 -33.03 -11.62
N ILE A 211 -19.81 -33.98 -10.92
CA ILE A 211 -20.17 -34.25 -9.53
C ILE A 211 -19.42 -33.38 -8.54
N LEU A 212 -18.28 -32.80 -8.94
CA LEU A 212 -17.52 -31.93 -8.04
C LEU A 212 -17.20 -30.55 -8.61
N SER A 213 -17.12 -30.40 -9.93
CA SER A 213 -16.87 -29.11 -10.55
C SER A 213 -18.13 -28.24 -10.47
N ALA A 214 -18.09 -27.11 -11.21
CA ALA A 214 -19.05 -26.02 -11.07
C ALA A 214 -20.50 -26.46 -11.29
N ARG A 215 -20.71 -27.56 -12.02
CA ARG A 215 -22.05 -28.08 -12.24
C ARG A 215 -22.71 -28.58 -10.95
N LEU A 216 -21.93 -29.10 -10.01
CA LEU A 216 -22.45 -29.44 -8.69
C LEU A 216 -21.46 -29.04 -7.59
N SER A 217 -20.84 -27.87 -7.73
CA SER A 217 -19.77 -27.48 -6.83
C SER A 217 -20.31 -27.01 -5.49
N LYS A 218 -19.37 -26.79 -4.56
CA LYS A 218 -19.60 -26.33 -3.19
C LYS A 218 -20.59 -27.28 -2.52
N SER A 219 -21.63 -26.77 -1.84
CA SER A 219 -22.51 -27.58 -1.01
C SER A 219 -23.25 -28.66 -1.80
N ARG A 220 -23.44 -28.50 -3.10
CA ARG A 220 -24.20 -29.46 -3.88
C ARG A 220 -23.48 -30.80 -4.04
N ARG A 221 -22.14 -30.79 -4.02
CA ARG A 221 -21.39 -32.04 -4.09
C ARG A 221 -21.61 -32.90 -2.87
N LEU A 222 -21.88 -32.28 -1.70
CA LEU A 222 -22.15 -33.03 -0.48
C LEU A 222 -23.44 -33.82 -0.51
N GLU A 223 -24.29 -33.66 -1.52
CA GLU A 223 -25.33 -34.65 -1.77
C GLU A 223 -25.15 -35.38 -3.10
N ASN A 224 -24.61 -34.72 -4.13
CA ASN A 224 -24.44 -35.39 -5.43
C ASN A 224 -23.46 -36.55 -5.33
N LEU A 225 -22.32 -36.34 -4.66
CA LEU A 225 -21.33 -37.41 -4.54
C LEU A 225 -21.74 -38.45 -3.52
N ILE A 226 -22.41 -38.01 -2.45
CA ILE A 226 -22.93 -38.92 -1.44
C ILE A 226 -24.00 -39.83 -2.02
N ALA A 227 -24.75 -39.36 -3.02
CA ALA A 227 -25.75 -40.19 -3.68
C ALA A 227 -25.15 -41.37 -4.43
N GLN A 228 -23.90 -41.28 -4.88
CA GLN A 228 -23.24 -42.43 -5.49
C GLN A 228 -22.61 -43.36 -4.46
N LEU A 229 -22.32 -42.87 -3.27
CA LEU A 229 -21.73 -43.66 -2.19
C LEU A 229 -22.58 -43.50 -0.93
N PRO A 230 -23.77 -44.12 -0.88
CA PRO A 230 -24.66 -43.92 0.27
C PRO A 230 -24.18 -44.57 1.56
N GLY A 231 -23.09 -45.34 1.53
CA GLY A 231 -22.55 -45.90 2.76
C GLY A 231 -22.01 -44.84 3.68
N GLU A 232 -21.61 -43.70 3.12
CA GLU A 232 -21.23 -42.52 3.87
C GLU A 232 -22.30 -41.45 3.70
N LYS A 233 -22.14 -40.35 4.44
CA LYS A 233 -23.17 -39.32 4.48
C LYS A 233 -22.52 -37.95 4.42
N LYS A 234 -23.36 -36.93 4.22
CA LYS A 234 -22.87 -35.55 4.17
C LYS A 234 -22.33 -35.09 5.52
N ASN A 235 -22.92 -35.56 6.61
CA ASN A 235 -22.43 -35.16 7.93
C ASN A 235 -21.24 -36.00 8.39
N GLY A 236 -20.95 -37.11 7.71
CA GLY A 236 -19.88 -37.99 8.12
C GLY A 236 -18.51 -37.43 7.78
N LEU A 237 -17.49 -38.20 8.17
CA LEU A 237 -16.11 -37.79 7.91
C LEU A 237 -15.78 -37.80 6.42
N PHE A 238 -16.49 -38.62 5.62
CA PHE A 238 -16.29 -38.53 4.18
C PHE A 238 -16.91 -37.26 3.63
N GLY A 239 -18.09 -36.88 4.14
CA GLY A 239 -18.61 -35.56 3.85
C GLY A 239 -17.72 -34.45 4.38
N ASN A 240 -17.07 -34.69 5.52
CA ASN A 240 -16.13 -33.72 6.09
C ASN A 240 -14.95 -33.49 5.14
N LEU A 241 -14.36 -34.57 4.64
CA LEU A 241 -13.23 -34.42 3.72
C LEU A 241 -13.66 -33.82 2.38
N ILE A 242 -14.86 -34.13 1.90
CA ILE A 242 -15.33 -33.49 0.68
C ILE A 242 -15.58 -31.99 0.89
N ALA A 243 -16.16 -31.62 2.03
CA ALA A 243 -16.38 -30.22 2.35
C ALA A 243 -15.06 -29.47 2.51
N LEU A 244 -14.06 -30.10 3.12
CA LEU A 244 -12.75 -29.48 3.23
C LEU A 244 -12.09 -29.37 1.85
N SER A 245 -12.36 -30.34 0.97
CA SER A 245 -11.99 -30.24 -0.44
C SER A 245 -12.83 -29.21 -1.19
N LEU A 246 -13.85 -28.64 -0.56
CA LEU A 246 -14.60 -27.52 -1.14
C LEU A 246 -14.54 -26.27 -0.30
N GLY A 247 -13.57 -26.17 0.61
CA GLY A 247 -13.34 -24.95 1.36
C GLY A 247 -14.34 -24.65 2.45
N LEU A 248 -15.22 -25.58 2.77
CA LEU A 248 -16.19 -25.37 3.84
C LEU A 248 -15.55 -25.61 5.20
N THR A 249 -16.32 -25.36 6.25
CA THR A 249 -15.89 -25.63 7.61
C THR A 249 -16.75 -26.74 8.20
N PRO A 250 -16.39 -28.01 7.99
CA PRO A 250 -17.18 -29.10 8.56
C PRO A 250 -16.93 -29.26 10.05
N ASN A 251 -17.79 -30.05 10.69
CA ASN A 251 -17.73 -30.29 12.13
C ASN A 251 -16.73 -31.41 12.43
N PHE A 252 -15.44 -31.01 12.46
CA PHE A 252 -14.38 -31.95 12.81
C PHE A 252 -14.57 -32.57 14.19
N LYS A 253 -15.01 -31.77 15.17
CA LYS A 253 -15.19 -32.26 16.53
C LYS A 253 -16.28 -33.32 16.61
N SER A 254 -17.33 -33.20 15.80
CA SER A 254 -18.38 -34.20 15.79
C SER A 254 -17.91 -35.48 15.11
N ASN A 255 -17.14 -35.36 14.03
CA ASN A 255 -16.63 -36.53 13.33
C ASN A 255 -15.60 -37.29 14.17
N PHE A 256 -14.74 -36.57 14.88
CA PHE A 256 -13.77 -37.21 15.77
C PHE A 256 -14.29 -37.28 17.19
N GLY A 283 -4.93 -34.37 17.38
CA GLY A 283 -3.99 -35.37 16.91
C GLY A 283 -3.55 -35.13 15.47
N ASP A 284 -2.28 -35.38 15.19
CA ASP A 284 -1.75 -35.26 13.84
C ASP A 284 -2.02 -36.49 12.98
N GLN A 285 -2.73 -37.49 13.51
CA GLN A 285 -3.12 -38.65 12.73
C GLN A 285 -4.00 -38.25 11.54
N TYR A 286 -4.86 -37.24 11.72
CA TYR A 286 -5.82 -36.84 10.71
C TYR A 286 -5.26 -35.77 9.78
N ALA A 287 -4.02 -35.31 10.02
CA ALA A 287 -3.42 -34.28 9.18
C ALA A 287 -3.20 -34.78 7.76
N ASP A 288 -2.92 -36.08 7.60
CA ASP A 288 -2.81 -36.66 6.26
C ASP A 288 -4.14 -36.54 5.51
N LEU A 289 -5.25 -36.80 6.20
CA LEU A 289 -6.56 -36.66 5.59
C LEU A 289 -6.85 -35.20 5.22
N PHE A 290 -6.48 -34.28 6.10
CA PHE A 290 -6.68 -32.85 5.82
C PHE A 290 -5.87 -32.39 4.60
N LEU A 291 -4.60 -32.77 4.53
CA LEU A 291 -3.75 -32.32 3.42
C LEU A 291 -4.15 -33.00 2.11
N ALA A 292 -4.59 -34.26 2.17
CA ALA A 292 -5.07 -34.92 0.97
C ALA A 292 -6.39 -34.30 0.51
N ALA A 293 -7.24 -33.86 1.44
CA ALA A 293 -8.44 -33.12 1.06
C ALA A 293 -8.09 -31.79 0.39
N LYS A 294 -7.06 -31.12 0.90
CA LYS A 294 -6.62 -29.86 0.29
C LYS A 294 -6.08 -30.08 -1.13
N ASN A 295 -5.29 -31.14 -1.33
CA ASN A 295 -4.78 -31.39 -2.68
C ASN A 295 -5.91 -31.85 -3.61
N LEU A 296 -6.92 -32.53 -3.08
CA LEU A 296 -8.11 -32.85 -3.89
C LEU A 296 -8.83 -31.57 -4.31
N SER A 297 -8.95 -30.61 -3.38
CA SER A 297 -9.51 -29.30 -3.70
C SER A 297 -8.74 -28.62 -4.82
N ASP A 298 -7.41 -28.68 -4.75
CA ASP A 298 -6.56 -28.13 -5.82
C ASP A 298 -6.85 -28.82 -7.14
N ALA A 299 -7.11 -30.13 -7.10
CA ALA A 299 -7.45 -30.87 -8.32
C ALA A 299 -8.76 -30.36 -8.93
N ILE A 300 -9.77 -30.10 -8.08
CA ILE A 300 -11.03 -29.54 -8.61
C ILE A 300 -10.82 -28.16 -9.21
N LEU A 301 -9.96 -27.32 -8.60
CA LEU A 301 -9.72 -26.01 -9.21
C LEU A 301 -9.03 -26.11 -10.56
N LEU A 302 -7.96 -26.93 -10.66
CA LEU A 302 -7.30 -27.08 -11.96
C LEU A 302 -8.18 -27.79 -12.98
N SER A 303 -9.18 -28.55 -12.54
CA SER A 303 -10.18 -29.06 -13.46
C SER A 303 -11.10 -27.95 -13.94
N ASP A 304 -11.64 -27.16 -13.01
CA ASP A 304 -12.69 -26.20 -13.32
C ASP A 304 -12.19 -24.95 -14.04
N ILE A 305 -10.88 -24.68 -14.03
CA ILE A 305 -10.37 -23.52 -14.75
C ILE A 305 -10.49 -23.69 -16.27
N LEU A 306 -10.67 -24.92 -16.75
CA LEU A 306 -10.84 -25.21 -18.17
C LEU A 306 -12.20 -25.87 -18.40
N ARG A 307 -12.92 -25.41 -19.44
CA ARG A 307 -14.23 -25.95 -19.75
C ARG A 307 -14.14 -27.40 -20.22
N VAL A 308 -13.27 -27.65 -21.20
CA VAL A 308 -13.17 -28.98 -21.78
C VAL A 308 -12.50 -29.94 -20.80
N ASN A 309 -11.40 -29.50 -20.18
CA ASN A 309 -10.58 -30.29 -19.26
C ASN A 309 -10.18 -31.61 -19.93
N THR A 310 -10.67 -32.72 -19.40
CA THR A 310 -10.30 -34.04 -19.91
C THR A 310 -11.16 -34.51 -21.07
N GLU A 311 -12.17 -33.74 -21.48
CA GLU A 311 -13.11 -34.20 -22.50
C GLU A 311 -12.50 -34.28 -23.89
N ILE A 312 -11.33 -33.69 -24.11
CA ILE A 312 -10.64 -33.77 -25.39
C ILE A 312 -9.15 -33.69 -25.13
N THR A 313 -8.37 -34.26 -26.04
CA THR A 313 -6.92 -34.31 -25.88
C THR A 313 -6.22 -33.09 -26.45
N LYS A 314 -6.71 -32.55 -27.56
CA LYS A 314 -6.01 -31.52 -28.28
C LYS A 314 -6.27 -30.15 -27.68
N ALA A 315 -5.19 -29.33 -27.63
CA ALA A 315 -5.12 -27.89 -27.35
C ALA A 315 -6.11 -27.40 -26.31
N PRO A 316 -5.93 -27.77 -25.03
CA PRO A 316 -7.03 -27.62 -24.05
C PRO A 316 -7.52 -26.19 -23.83
N LEU A 317 -6.64 -25.20 -23.79
CA LEU A 317 -7.10 -23.83 -23.59
C LEU A 317 -7.72 -23.26 -24.86
N SER A 318 -7.10 -23.55 -26.01
CA SER A 318 -7.66 -23.15 -27.30
C SER A 318 -9.03 -23.78 -27.51
N ALA A 319 -9.16 -25.08 -27.19
CA ALA A 319 -10.45 -25.76 -27.29
C ALA A 319 -11.48 -25.15 -26.36
N SER A 320 -11.08 -24.81 -25.13
CA SER A 320 -12.00 -24.21 -24.17
C SER A 320 -12.53 -22.87 -24.66
N MET A 321 -11.64 -22.02 -25.21
CA MET A 321 -12.10 -20.71 -25.66
C MET A 321 -12.86 -20.76 -26.98
N ILE A 322 -12.54 -21.72 -27.86
CA ILE A 322 -13.37 -21.91 -29.06
C ILE A 322 -14.78 -22.36 -28.67
N LYS A 323 -14.87 -23.26 -27.68
CA LYS A 323 -16.18 -23.66 -27.17
C LYS A 323 -16.93 -22.47 -26.58
N ARG A 324 -16.22 -21.59 -25.87
CA ARG A 324 -16.85 -20.39 -25.32
C ARG A 324 -17.35 -19.47 -26.42
N TYR A 325 -16.56 -19.30 -27.50
CA TYR A 325 -17.00 -18.48 -28.63
C TYR A 325 -18.25 -19.05 -29.30
N ASP A 326 -18.29 -20.38 -29.49
CA ASP A 326 -19.44 -21.00 -30.14
C ASP A 326 -20.70 -20.84 -29.29
N GLU A 327 -20.56 -21.07 -27.98
CA GLU A 327 -21.69 -20.91 -27.07
C GLU A 327 -22.15 -19.45 -27.03
N HIS A 328 -21.19 -18.51 -27.05
CA HIS A 328 -21.52 -17.09 -27.06
C HIS A 328 -22.31 -16.72 -28.31
N HIS A 329 -21.88 -17.23 -29.48
CA HIS A 329 -22.57 -16.93 -30.73
C HIS A 329 -24.00 -17.44 -30.72
N GLN A 330 -24.19 -18.70 -30.33
CA GLN A 330 -25.55 -19.26 -30.35
C GLN A 330 -26.45 -18.62 -29.30
N ASP A 331 -25.92 -18.34 -28.10
CA ASP A 331 -26.73 -17.71 -27.06
C ASP A 331 -27.06 -16.27 -27.42
N LEU A 332 -26.14 -15.59 -28.11
CA LEU A 332 -26.39 -14.23 -28.57
C LEU A 332 -27.50 -14.18 -29.62
N THR A 333 -27.47 -15.08 -30.61
CA THR A 333 -28.53 -15.02 -31.61
C THR A 333 -29.88 -15.43 -31.02
N LEU A 334 -29.88 -16.37 -30.05
CA LEU A 334 -31.10 -16.69 -29.30
C LEU A 334 -31.63 -15.47 -28.56
N LEU A 335 -30.74 -14.75 -27.88
CA LEU A 335 -31.16 -13.63 -27.04
C LEU A 335 -31.69 -12.48 -27.90
N LYS A 336 -31.03 -12.21 -29.04
CA LYS A 336 -31.52 -11.18 -29.96
C LYS A 336 -32.90 -11.52 -30.51
N ALA A 337 -33.11 -12.78 -30.91
CA ALA A 337 -34.42 -13.17 -31.44
C ALA A 337 -35.50 -13.03 -30.37
N LEU A 338 -35.21 -13.46 -29.14
CA LEU A 338 -36.20 -13.43 -28.07
C LEU A 338 -36.57 -11.99 -27.69
N VAL A 339 -35.58 -11.10 -27.60
CA VAL A 339 -35.88 -9.69 -27.34
C VAL A 339 -36.66 -9.07 -28.51
N ARG A 340 -36.24 -9.37 -29.74
CA ARG A 340 -36.90 -8.77 -30.91
C ARG A 340 -38.34 -9.23 -31.06
N GLN A 341 -38.66 -10.43 -30.58
CA GLN A 341 -40.04 -10.87 -30.76
C GLN A 341 -40.93 -10.59 -29.56
N GLN A 342 -40.44 -10.75 -28.32
CA GLN A 342 -41.39 -10.70 -27.21
C GLN A 342 -41.40 -9.37 -26.47
N LEU A 343 -40.34 -8.55 -26.61
CA LEU A 343 -40.33 -7.25 -25.96
C LEU A 343 -39.45 -6.31 -26.78
N PRO A 344 -39.97 -5.79 -27.91
CA PRO A 344 -39.15 -4.93 -28.77
C PRO A 344 -38.82 -3.57 -28.15
N GLU A 345 -39.52 -3.18 -27.08
CA GLU A 345 -39.13 -2.00 -26.34
C GLU A 345 -37.78 -2.25 -25.68
N LYS A 346 -36.89 -1.25 -25.77
CA LYS A 346 -35.48 -1.27 -25.34
C LYS A 346 -34.62 -2.27 -26.12
N TYR A 347 -35.06 -2.70 -27.30
CA TYR A 347 -34.18 -3.47 -28.18
C TYR A 347 -32.98 -2.63 -28.61
N LYS A 348 -33.23 -1.39 -29.02
CA LYS A 348 -32.15 -0.46 -29.34
C LYS A 348 -31.33 -0.12 -28.09
N GLU A 349 -32.01 0.00 -26.94
CA GLU A 349 -31.32 0.28 -25.68
C GLU A 349 -30.34 -0.82 -25.31
N ILE A 350 -30.61 -2.05 -25.72
CA ILE A 350 -29.69 -3.16 -25.42
C ILE A 350 -28.64 -3.32 -26.49
N PHE A 351 -29.04 -3.39 -27.75
CA PHE A 351 -28.13 -3.84 -28.79
C PHE A 351 -27.57 -2.73 -29.68
N PHE A 352 -28.10 -1.51 -29.57
CA PHE A 352 -27.63 -0.38 -30.37
C PHE A 352 -27.11 0.79 -29.54
N ASP A 353 -27.64 0.99 -28.34
CA ASP A 353 -27.40 2.24 -27.60
C ASP A 353 -25.95 2.41 -27.19
N GLN A 354 -25.31 1.33 -26.70
CA GLN A 354 -23.91 1.29 -26.29
C GLN A 354 -23.58 2.26 -25.16
N SER A 355 -24.59 2.64 -24.36
CA SER A 355 -24.35 3.51 -23.21
C SER A 355 -25.06 3.07 -21.94
N LYS A 356 -26.10 2.23 -22.01
CA LYS A 356 -26.92 1.88 -20.86
C LYS A 356 -26.69 0.44 -20.40
N ASN A 357 -25.44 -0.03 -20.50
CA ASN A 357 -25.00 -1.34 -20.01
C ASN A 357 -25.77 -2.49 -20.64
N GLY A 358 -26.14 -2.34 -21.91
CA GLY A 358 -26.72 -3.43 -22.67
C GLY A 358 -25.63 -4.31 -23.22
N TYR A 359 -25.99 -5.12 -24.22
CA TYR A 359 -24.96 -5.91 -24.90
C TYR A 359 -24.04 -5.00 -25.70
N ALA A 360 -24.60 -3.96 -26.32
CA ALA A 360 -23.76 -2.98 -27.00
C ALA A 360 -22.90 -2.22 -26.00
N GLY A 361 -23.40 -1.97 -24.79
CA GLY A 361 -22.56 -1.44 -23.74
C GLY A 361 -21.60 -2.48 -23.17
N TYR A 362 -21.95 -3.76 -23.27
CA TYR A 362 -21.04 -4.81 -22.85
C TYR A 362 -19.84 -4.93 -23.79
N ILE A 363 -20.07 -4.72 -25.08
CA ILE A 363 -19.03 -4.89 -26.09
C ILE A 363 -18.37 -3.55 -26.40
N ASP A 364 -19.15 -2.60 -26.89
CA ASP A 364 -18.60 -1.32 -27.33
C ASP A 364 -18.43 -0.30 -26.22
N GLY A 365 -18.98 -0.56 -25.03
CA GLY A 365 -18.85 0.33 -23.91
C GLY A 365 -18.00 -0.24 -22.79
N GLY A 366 -17.90 0.54 -21.71
CA GLY A 366 -17.12 0.14 -20.56
C GLY A 366 -17.89 -0.57 -19.48
N ALA A 367 -18.77 -1.50 -19.85
CA ALA A 367 -19.58 -2.23 -18.89
C ALA A 367 -18.96 -3.61 -18.65
N SER A 368 -18.83 -3.97 -17.38
CA SER A 368 -18.25 -5.24 -17.00
C SER A 368 -19.23 -6.38 -17.26
N GLN A 369 -18.74 -7.61 -17.06
CA GLN A 369 -19.58 -8.80 -17.14
C GLN A 369 -20.71 -8.75 -16.12
N GLU A 370 -20.37 -8.43 -14.87
CA GLU A 370 -21.39 -8.41 -13.82
C GLU A 370 -22.36 -7.26 -14.00
N GLU A 371 -21.91 -6.12 -14.52
CA GLU A 371 -22.82 -5.01 -14.78
C GLU A 371 -23.80 -5.35 -15.90
N PHE A 372 -23.31 -6.01 -16.94
CA PHE A 372 -24.20 -6.42 -18.05
C PHE A 372 -25.22 -7.45 -17.56
N TYR A 373 -24.76 -8.40 -16.73
CA TYR A 373 -25.67 -9.35 -16.09
C TYR A 373 -26.69 -8.64 -15.20
N LYS A 374 -26.25 -7.64 -14.44
CA LYS A 374 -27.14 -6.92 -13.54
C LYS A 374 -28.14 -6.07 -14.30
N PHE A 375 -27.76 -5.59 -15.48
CA PHE A 375 -28.71 -4.83 -16.29
C PHE A 375 -29.79 -5.73 -16.86
N ILE A 376 -29.39 -6.89 -17.41
CA ILE A 376 -30.41 -7.73 -18.04
C ILE A 376 -31.10 -8.69 -17.07
N LYS A 377 -30.62 -8.80 -15.83
CA LYS A 377 -31.23 -9.74 -14.89
C LYS A 377 -32.65 -9.38 -14.45
N PRO A 378 -32.99 -8.14 -14.03
CA PRO A 378 -34.42 -7.83 -13.86
C PRO A 378 -35.20 -7.91 -15.15
N ILE A 379 -34.54 -7.59 -16.27
CA ILE A 379 -35.18 -7.74 -17.58
C ILE A 379 -35.52 -9.20 -17.82
N LEU A 380 -34.53 -10.09 -17.69
CA LEU A 380 -34.77 -11.53 -17.90
C LEU A 380 -35.77 -12.10 -16.89
N GLU A 381 -35.85 -11.49 -15.71
CA GLU A 381 -36.91 -11.85 -14.77
C GLU A 381 -38.28 -11.45 -15.32
N LYS A 382 -38.37 -10.29 -15.97
CA LYS A 382 -39.65 -9.86 -16.53
C LYS A 382 -40.06 -10.69 -17.74
N MET A 383 -39.12 -11.04 -18.62
CA MET A 383 -39.48 -11.76 -19.83
C MET A 383 -39.73 -13.25 -19.55
N ASP A 384 -40.53 -13.86 -20.43
CA ASP A 384 -40.94 -15.24 -20.28
C ASP A 384 -39.99 -16.19 -21.00
N GLY A 385 -39.85 -17.39 -20.43
CA GLY A 385 -39.06 -18.44 -21.06
C GLY A 385 -37.56 -18.26 -21.01
N THR A 386 -37.06 -17.40 -20.12
CA THR A 386 -35.63 -17.09 -20.03
C THR A 386 -34.86 -18.06 -19.15
N GLU A 387 -35.52 -19.07 -18.57
CA GLU A 387 -34.92 -19.92 -17.54
C GLU A 387 -33.69 -20.67 -18.05
N GLU A 388 -33.75 -21.20 -19.28
CA GLU A 388 -32.62 -21.95 -19.82
C GLU A 388 -31.39 -21.08 -20.05
N LEU A 389 -31.56 -19.77 -20.17
CA LEU A 389 -30.47 -18.84 -20.39
C LEU A 389 -30.06 -18.12 -19.10
N LEU A 390 -31.01 -17.92 -18.18
CA LEU A 390 -30.73 -17.21 -16.94
C LEU A 390 -29.80 -18.00 -16.02
N VAL A 391 -29.81 -19.33 -16.13
CA VAL A 391 -28.90 -20.16 -15.34
C VAL A 391 -27.45 -19.92 -15.75
N LYS A 392 -27.21 -19.55 -17.01
CA LYS A 392 -25.87 -19.16 -17.43
C LYS A 392 -25.42 -17.88 -16.74
N LEU A 393 -26.36 -17.01 -16.35
CA LEU A 393 -26.01 -15.89 -15.48
C LEU A 393 -25.74 -16.37 -14.06
N ASN A 394 -26.60 -17.26 -13.56
CA ASN A 394 -26.44 -17.74 -12.19
C ASN A 394 -25.18 -18.58 -12.01
N ARG A 395 -24.67 -19.17 -13.09
CA ARG A 395 -23.39 -19.86 -13.07
C ARG A 395 -22.24 -19.00 -13.58
N GLU A 396 -22.53 -17.75 -13.95
CA GLU A 396 -21.59 -16.86 -14.63
C GLU A 396 -20.94 -17.53 -15.85
N ASP A 397 -21.80 -17.88 -16.81
CA ASP A 397 -21.37 -18.50 -18.05
C ASP A 397 -21.85 -17.76 -19.29
N LEU A 398 -22.74 -16.78 -19.15
CA LEU A 398 -23.49 -16.24 -20.29
C LEU A 398 -22.67 -15.21 -21.07
N LEU A 399 -22.41 -15.52 -22.35
CA LEU A 399 -21.73 -14.62 -23.30
C LEU A 399 -20.41 -14.07 -22.75
N ARG A 400 -19.60 -14.94 -22.14
CA ARG A 400 -18.33 -14.50 -21.59
C ARG A 400 -17.35 -14.17 -22.71
N LYS A 401 -16.41 -13.30 -22.39
CA LYS A 401 -15.35 -12.94 -23.33
C LYS A 401 -14.20 -13.94 -23.24
N GLN A 402 -13.27 -13.83 -24.18
CA GLN A 402 -12.09 -14.68 -24.18
C GLN A 402 -10.90 -14.04 -23.48
N ARG A 403 -10.93 -12.74 -23.29
CA ARG A 403 -9.95 -12.03 -22.46
C ARG A 403 -10.69 -11.47 -21.26
N THR A 404 -10.48 -12.08 -20.10
CA THR A 404 -11.24 -11.74 -18.90
C THR A 404 -10.33 -11.69 -17.69
N PHE A 405 -10.87 -11.07 -16.64
CA PHE A 405 -10.23 -11.04 -15.32
C PHE A 405 -10.06 -12.43 -14.70
N ASP A 406 -10.80 -13.43 -15.16
CA ASP A 406 -10.67 -14.78 -14.63
C ASP A 406 -9.51 -15.57 -15.21
N ASN A 407 -8.83 -15.05 -16.23
CA ASN A 407 -7.71 -15.74 -16.84
C ASN A 407 -6.46 -15.72 -15.98
N GLY A 408 -6.45 -15.01 -14.85
CA GLY A 408 -5.27 -14.87 -14.02
C GLY A 408 -4.80 -16.14 -13.35
N SER A 409 -5.61 -17.19 -13.35
CA SER A 409 -5.27 -18.46 -12.72
C SER A 409 -4.75 -19.47 -13.72
N ILE A 410 -4.45 -19.05 -14.94
CA ILE A 410 -4.00 -19.95 -16.01
C ILE A 410 -2.51 -20.17 -15.85
N PRO A 411 -2.05 -21.41 -15.66
CA PRO A 411 -0.61 -21.66 -15.49
C PRO A 411 0.15 -21.52 -16.80
N HIS A 412 1.43 -21.18 -16.69
CA HIS A 412 2.25 -20.99 -17.89
C HIS A 412 2.52 -22.30 -18.60
N GLN A 413 2.45 -23.43 -17.88
CA GLN A 413 2.74 -24.73 -18.47
C GLN A 413 1.77 -25.09 -19.59
N ILE A 414 0.54 -24.57 -19.54
CA ILE A 414 -0.42 -24.83 -20.61
C ILE A 414 0.06 -24.17 -21.90
N HIS A 415 0.42 -22.89 -21.83
CA HIS A 415 0.99 -22.21 -22.99
C HIS A 415 2.29 -22.84 -23.43
N LEU A 416 3.11 -23.29 -22.48
CA LEU A 416 4.36 -23.96 -22.82
C LEU A 416 4.11 -25.24 -23.60
N GLY A 417 3.15 -26.06 -23.15
CA GLY A 417 2.81 -27.28 -23.87
C GLY A 417 2.25 -27.00 -25.24
N GLU A 418 1.41 -25.96 -25.35
CA GLU A 418 0.86 -25.60 -26.66
C GLU A 418 1.94 -25.12 -27.61
N LEU A 419 2.87 -24.30 -27.11
CA LEU A 419 3.99 -23.83 -27.92
C LEU A 419 4.89 -24.99 -28.35
N HIS A 420 5.12 -25.94 -27.44
CA HIS A 420 5.90 -27.12 -27.77
C HIS A 420 5.21 -27.95 -28.83
N ALA A 421 3.88 -28.08 -28.74
CA ALA A 421 3.13 -28.83 -29.74
C ALA A 421 3.21 -28.15 -31.10
N ILE A 422 3.17 -26.81 -31.13
CA ILE A 422 3.28 -26.09 -32.40
C ILE A 422 4.66 -26.28 -33.01
N LEU A 423 5.72 -26.13 -32.20
CA LEU A 423 7.06 -26.28 -32.75
C LEU A 423 7.37 -27.72 -33.13
N ARG A 424 6.79 -28.70 -32.44
CA ARG A 424 6.98 -30.09 -32.84
C ARG A 424 6.17 -30.44 -34.07
N ARG A 425 5.04 -29.77 -34.30
CA ARG A 425 4.26 -30.01 -35.50
C ARG A 425 4.89 -29.37 -36.73
N GLN A 426 5.63 -28.28 -36.55
CA GLN A 426 6.26 -27.56 -37.66
C GLN A 426 7.78 -27.65 -37.64
N GLU A 427 8.33 -28.70 -37.01
CA GLU A 427 9.77 -28.80 -36.85
C GLU A 427 10.45 -29.12 -38.17
N ASP A 428 9.91 -30.09 -38.92
CA ASP A 428 10.55 -30.52 -40.17
C ASP A 428 10.33 -29.51 -41.29
N PHE A 429 9.22 -28.78 -41.26
CA PHE A 429 8.93 -27.82 -42.32
C PHE A 429 9.84 -26.60 -42.25
N TYR A 430 10.07 -26.09 -41.05
CA TYR A 430 10.88 -24.89 -40.84
C TYR A 430 12.11 -25.28 -40.03
N PRO A 431 13.27 -25.43 -40.66
CA PRO A 431 14.47 -25.89 -39.93
C PRO A 431 14.89 -24.98 -38.78
N PHE A 432 14.69 -23.67 -38.89
CA PHE A 432 15.08 -22.77 -37.81
C PHE A 432 14.20 -22.93 -36.58
N LEU A 433 13.00 -23.51 -36.72
CA LEU A 433 12.26 -23.95 -35.54
C LEU A 433 12.97 -25.10 -34.84
N LYS A 434 13.52 -26.04 -35.61
CA LYS A 434 14.29 -27.13 -35.02
C LYS A 434 15.57 -26.62 -34.36
N ASP A 435 16.19 -25.60 -34.96
CA ASP A 435 17.39 -25.02 -34.38
C ASP A 435 17.09 -24.15 -33.17
N ASN A 436 15.87 -23.63 -33.06
CA ASN A 436 15.54 -22.67 -32.01
C ASN A 436 14.29 -23.04 -31.24
N ARG A 437 13.99 -24.34 -31.12
CA ARG A 437 12.87 -24.77 -30.30
C ARG A 437 13.15 -24.51 -28.82
N GLU A 438 14.33 -24.89 -28.36
CA GLU A 438 14.73 -24.65 -26.98
C GLU A 438 14.86 -23.15 -26.71
N LYS A 439 15.23 -22.36 -27.72
CA LYS A 439 15.34 -20.92 -27.55
C LYS A 439 13.98 -20.30 -27.27
N ILE A 440 12.97 -20.65 -28.06
CA ILE A 440 11.63 -20.09 -27.86
C ILE A 440 11.02 -20.59 -26.56
N GLU A 441 11.24 -21.87 -26.24
CA GLU A 441 10.77 -22.41 -24.97
C GLU A 441 11.45 -21.71 -23.79
N LYS A 442 12.73 -21.35 -23.93
CA LYS A 442 13.41 -20.62 -22.88
C LYS A 442 12.90 -19.19 -22.78
N ILE A 443 12.55 -18.57 -23.90
CA ILE A 443 11.95 -17.23 -23.87
C ILE A 443 10.64 -17.26 -23.09
N LEU A 444 9.82 -18.27 -23.33
CA LEU A 444 8.55 -18.36 -22.61
C LEU A 444 8.79 -18.69 -21.14
N THR A 445 9.67 -19.65 -20.85
CA THR A 445 9.78 -20.18 -19.50
C THR A 445 10.70 -19.39 -18.58
N PHE A 446 11.55 -18.52 -19.11
CA PHE A 446 12.54 -17.89 -18.25
C PHE A 446 11.89 -16.88 -17.32
N ARG A 447 12.26 -16.96 -16.06
CA ARG A 447 11.87 -15.99 -15.05
C ARG A 447 13.12 -15.53 -14.35
N ILE A 448 13.30 -14.22 -14.25
CA ILE A 448 14.40 -13.68 -13.45
C ILE A 448 14.16 -14.06 -11.99
N PRO A 449 15.12 -14.67 -11.31
CA PRO A 449 14.86 -15.22 -9.98
C PRO A 449 14.60 -14.15 -8.94
N TYR A 450 14.01 -14.61 -7.83
CA TYR A 450 13.67 -13.76 -6.70
C TYR A 450 14.89 -13.03 -6.16
N TYR A 451 16.04 -13.70 -6.16
CA TYR A 451 17.26 -13.20 -5.52
C TYR A 451 18.19 -12.42 -6.44
N VAL A 452 18.05 -12.53 -7.76
CA VAL A 452 19.00 -11.86 -8.65
C VAL A 452 18.75 -10.35 -8.70
N GLY A 453 17.50 -9.95 -8.86
CA GLY A 453 17.17 -8.55 -8.96
C GLY A 453 17.36 -8.02 -10.37
N PRO A 454 17.35 -6.69 -10.52
CA PRO A 454 17.50 -6.09 -11.85
C PRO A 454 18.87 -6.36 -12.44
N LEU A 455 18.89 -6.51 -13.77
CA LEU A 455 20.11 -6.87 -14.49
C LEU A 455 20.89 -5.62 -14.92
N ALA A 456 21.36 -4.89 -13.91
CA ALA A 456 21.99 -3.59 -14.16
C ALA A 456 23.51 -3.72 -14.29
N ARG A 457 24.16 -2.57 -14.46
CA ARG A 457 25.61 -2.47 -14.57
C ARG A 457 26.09 -1.40 -13.57
N GLY A 458 25.37 -1.29 -12.45
CA GLY A 458 25.72 -0.37 -11.39
C GLY A 458 25.00 0.96 -11.44
N ASN A 459 24.28 1.26 -12.53
CA ASN A 459 23.55 2.51 -12.66
C ASN A 459 22.15 2.43 -12.08
N SER A 460 21.91 1.51 -11.16
CA SER A 460 20.63 1.35 -10.49
C SER A 460 20.83 1.46 -8.99
N ARG A 461 19.95 2.23 -8.33
CA ARG A 461 19.99 2.35 -6.88
C ARG A 461 19.64 1.05 -6.20
N PHE A 462 18.83 0.21 -6.86
CA PHE A 462 18.25 -0.97 -6.23
C PHE A 462 19.02 -2.25 -6.52
N ALA A 463 19.68 -2.34 -7.68
CA ALA A 463 20.30 -3.58 -8.11
C ALA A 463 21.47 -3.97 -7.23
N TRP A 464 21.63 -5.28 -7.04
CA TRP A 464 22.71 -5.84 -6.23
C TRP A 464 23.44 -6.97 -6.94
N MET A 465 23.08 -7.27 -8.18
CA MET A 465 23.60 -8.43 -8.89
C MET A 465 25.07 -8.24 -9.26
N THR A 466 25.81 -9.33 -9.24
CA THR A 466 27.22 -9.34 -9.63
C THR A 466 27.38 -10.20 -10.88
N ARG A 467 27.96 -9.60 -11.92
CA ARG A 467 28.20 -10.33 -13.16
C ARG A 467 29.51 -11.10 -13.09
N LYS A 468 29.54 -12.23 -13.80
CA LYS A 468 30.77 -12.96 -14.02
C LYS A 468 31.36 -12.70 -15.41
N SER A 469 30.71 -11.83 -16.20
CA SER A 469 31.19 -11.48 -17.52
C SER A 469 30.56 -10.14 -17.91
N GLU A 470 31.10 -9.53 -18.96
CA GLU A 470 30.63 -8.24 -19.45
C GLU A 470 30.06 -8.43 -20.85
N GLU A 471 28.78 -8.81 -20.91
CA GLU A 471 28.08 -9.00 -22.18
C GLU A 471 26.59 -8.91 -21.92
N THR A 472 25.82 -8.87 -23.01
CA THR A 472 24.37 -8.77 -22.91
C THR A 472 23.78 -10.06 -22.35
N ILE A 473 22.79 -9.91 -21.47
CA ILE A 473 22.13 -11.04 -20.83
C ILE A 473 20.87 -11.38 -21.59
N THR A 474 20.81 -12.60 -22.11
CA THR A 474 19.62 -13.17 -22.72
C THR A 474 19.16 -14.36 -21.88
N PRO A 475 17.90 -14.80 -22.03
CA PRO A 475 17.46 -16.01 -21.31
C PRO A 475 18.24 -17.27 -21.65
N TRP A 476 18.85 -17.34 -22.84
CA TRP A 476 19.61 -18.54 -23.19
C TRP A 476 20.94 -18.62 -22.46
N ASN A 477 21.62 -17.49 -22.27
CA ASN A 477 22.92 -17.47 -21.62
C ASN A 477 22.88 -16.84 -20.23
N PHE A 478 21.71 -16.85 -19.57
CA PHE A 478 21.61 -16.30 -18.22
C PHE A 478 22.42 -17.11 -17.22
N GLU A 479 22.43 -18.44 -17.36
CA GLU A 479 23.05 -19.29 -16.35
C GLU A 479 24.57 -19.26 -16.37
N GLU A 480 25.20 -18.63 -17.37
CA GLU A 480 26.65 -18.55 -17.44
C GLU A 480 27.17 -17.12 -17.34
N VAL A 481 26.34 -16.15 -16.98
CA VAL A 481 26.74 -14.74 -16.88
C VAL A 481 26.64 -14.23 -15.45
N VAL A 482 25.50 -14.44 -14.80
CA VAL A 482 25.32 -13.97 -13.43
C VAL A 482 26.04 -14.91 -12.47
N ASP A 483 26.88 -14.35 -11.63
CA ASP A 483 27.47 -15.12 -10.53
C ASP A 483 26.36 -15.31 -9.50
N LYS A 484 25.73 -16.48 -9.52
CA LYS A 484 24.58 -16.70 -8.66
C LYS A 484 24.96 -16.78 -7.19
N GLY A 485 26.17 -17.25 -6.88
CA GLY A 485 26.63 -17.24 -5.50
C GLY A 485 26.79 -15.85 -4.92
N ALA A 486 27.46 -14.97 -5.67
CA ALA A 486 27.70 -13.61 -5.17
C ALA A 486 26.42 -12.80 -5.13
N SER A 487 25.58 -12.93 -6.16
CA SER A 487 24.28 -12.26 -6.16
C SER A 487 23.41 -12.77 -5.01
N ALA A 488 23.45 -14.08 -4.77
CA ALA A 488 22.70 -14.66 -3.66
C ALA A 488 23.19 -14.12 -2.33
N GLN A 489 24.51 -14.06 -2.13
CA GLN A 489 25.05 -13.59 -0.85
C GLN A 489 24.71 -12.11 -0.61
N SER A 490 24.80 -11.28 -1.66
CA SER A 490 24.38 -9.90 -1.54
C SER A 490 22.89 -9.80 -1.19
N PHE A 491 22.09 -10.69 -1.78
CA PHE A 491 20.66 -10.73 -1.50
C PHE A 491 20.39 -11.07 -0.03
N ILE A 492 21.14 -12.04 0.52
CA ILE A 492 21.07 -12.31 1.97
C ILE A 492 21.43 -11.07 2.78
N GLU A 493 22.54 -10.41 2.45
CA GLU A 493 22.99 -9.33 3.31
C GLU A 493 22.06 -8.11 3.21
N ARG A 494 21.37 -7.94 2.09
CA ARG A 494 20.42 -6.83 1.97
C ARG A 494 19.08 -7.15 2.62
N MET A 495 18.52 -8.32 2.32
CA MET A 495 17.13 -8.60 2.73
C MET A 495 17.01 -8.84 4.23
N THR A 496 18.09 -9.25 4.90
CA THR A 496 18.00 -9.48 6.34
C THR A 496 17.70 -8.18 7.07
N ASN A 497 16.71 -8.23 7.94
CA ASN A 497 16.36 -7.06 8.73
C ASN A 497 17.09 -7.11 10.07
N PHE A 498 17.00 -6.02 10.83
CA PHE A 498 17.83 -5.86 12.01
C PHE A 498 16.97 -5.51 13.22
N ASP A 499 17.44 -5.99 14.38
CA ASP A 499 16.61 -6.16 15.57
C ASP A 499 16.28 -4.78 16.13
N LYS A 500 15.02 -4.59 16.52
CA LYS A 500 14.62 -3.32 17.13
C LYS A 500 15.33 -3.06 18.45
N ASN A 501 15.64 -4.12 19.21
CA ASN A 501 16.29 -3.95 20.49
C ASN A 501 17.79 -3.73 20.36
N LEU A 502 18.37 -4.05 19.21
CA LEU A 502 19.78 -3.79 18.93
C LEU A 502 19.97 -3.72 17.42
N PRO A 503 19.99 -2.52 16.84
CA PRO A 503 19.91 -2.37 15.38
C PRO A 503 21.11 -2.91 14.61
N ASN A 504 22.18 -3.32 15.27
CA ASN A 504 23.32 -3.88 14.57
C ASN A 504 23.23 -5.39 14.38
N GLU A 505 22.18 -6.04 14.88
CA GLU A 505 22.11 -7.50 14.92
C GLU A 505 21.05 -8.03 13.96
N LYS A 506 21.42 -9.11 13.26
CA LYS A 506 20.52 -9.77 12.32
C LYS A 506 19.37 -10.45 13.05
N VAL A 507 18.16 -10.32 12.51
CA VAL A 507 16.98 -10.92 13.13
C VAL A 507 16.91 -12.41 12.79
N LEU A 508 16.27 -13.16 13.69
CA LEU A 508 15.86 -14.52 13.39
C LEU A 508 14.57 -14.50 12.58
N PRO A 509 14.24 -15.61 11.91
CA PRO A 509 12.90 -15.75 11.33
C PRO A 509 11.84 -15.81 12.43
N LYS A 510 10.61 -15.40 12.08
CA LYS A 510 9.48 -15.67 12.96
C LYS A 510 9.22 -17.17 13.07
N HIS A 511 9.57 -17.92 12.03
CA HIS A 511 9.44 -19.37 12.04
C HIS A 511 10.74 -20.07 12.43
N SER A 512 11.66 -19.37 13.09
CA SER A 512 12.86 -20.01 13.59
C SER A 512 12.55 -20.85 14.83
N LEU A 513 13.40 -21.86 15.06
CA LEU A 513 13.22 -22.73 16.22
C LEU A 513 13.37 -21.96 17.53
N LEU A 514 14.45 -21.18 17.65
CA LEU A 514 14.68 -20.44 18.88
C LEU A 514 13.70 -19.29 19.05
N TYR A 515 13.18 -18.74 17.95
CA TYR A 515 12.15 -17.70 18.06
C TYR A 515 10.84 -18.27 18.60
N GLU A 516 10.41 -19.43 18.07
CA GLU A 516 9.19 -20.06 18.59
C GLU A 516 9.37 -20.50 20.02
N TYR A 517 10.54 -21.06 20.35
CA TYR A 517 10.78 -21.49 21.73
C TYR A 517 10.90 -20.28 22.66
N PHE A 518 11.38 -19.14 22.13
CA PHE A 518 11.40 -17.89 22.88
C PHE A 518 9.98 -17.46 23.25
N THR A 519 9.08 -17.41 22.25
CA THR A 519 7.75 -16.89 22.55
C THR A 519 6.92 -17.89 23.35
N VAL A 520 7.17 -19.19 23.16
CA VAL A 520 6.54 -20.20 24.00
C VAL A 520 6.98 -20.05 25.45
N TYR A 521 8.29 -19.87 25.68
CA TYR A 521 8.76 -19.71 27.06
C TYR A 521 8.33 -18.38 27.66
N ASN A 522 8.27 -17.32 26.85
CA ASN A 522 7.84 -16.01 27.34
C ASN A 522 6.35 -16.01 27.68
N GLU A 523 5.54 -16.79 26.96
CA GLU A 523 4.14 -16.92 27.36
C GLU A 523 3.99 -17.84 28.55
N LEU A 524 4.83 -18.88 28.65
CA LEU A 524 4.71 -19.85 29.73
C LEU A 524 5.21 -19.28 31.06
N THR A 525 6.13 -18.32 31.03
CA THR A 525 6.71 -17.83 32.27
C THR A 525 5.76 -16.93 33.06
N LYS A 526 4.61 -16.54 32.49
CA LYS A 526 3.62 -15.73 33.19
C LYS A 526 2.40 -16.53 33.62
N VAL A 527 2.58 -17.82 33.88
CA VAL A 527 1.49 -18.72 34.25
C VAL A 527 1.65 -19.06 35.72
N LYS A 528 0.56 -18.92 36.48
CA LYS A 528 0.54 -19.22 37.91
C LYS A 528 -0.51 -20.30 38.14
N TYR A 529 -0.16 -21.30 38.95
CA TYR A 529 -1.05 -22.40 39.27
C TYR A 529 -1.41 -22.40 40.75
N VAL A 530 -2.65 -22.77 41.05
CA VAL A 530 -3.13 -22.90 42.42
C VAL A 530 -3.65 -24.32 42.60
N THR A 531 -3.11 -25.02 43.60
CA THR A 531 -3.53 -26.39 43.89
C THR A 531 -4.39 -26.45 45.14
N PHE A 539 4.43 -19.45 41.17
CA PHE A 539 4.73 -19.50 39.74
C PHE A 539 5.44 -20.80 39.39
N LEU A 540 5.50 -21.10 38.09
CA LEU A 540 6.14 -22.34 37.63
C LEU A 540 7.65 -22.25 37.77
N SER A 541 8.26 -23.37 38.18
CA SER A 541 9.70 -23.46 38.27
C SER A 541 10.29 -23.96 36.96
N GLY A 542 11.62 -24.04 36.93
CA GLY A 542 12.31 -24.42 35.70
C GLY A 542 12.05 -25.85 35.26
N GLU A 543 12.08 -26.78 36.21
CA GLU A 543 11.83 -28.19 35.89
C GLU A 543 10.39 -28.39 35.42
N GLN A 544 9.44 -27.69 36.06
CA GLN A 544 8.04 -27.80 35.65
C GLN A 544 7.81 -27.26 34.24
N LYS A 545 8.40 -26.10 33.93
CA LYS A 545 8.29 -25.54 32.58
C LYS A 545 8.93 -26.46 31.55
N LYS A 546 10.11 -27.00 31.87
CA LYS A 546 10.80 -27.90 30.96
C LYS A 546 9.99 -29.15 30.70
N ALA A 547 9.37 -29.72 31.73
CA ALA A 547 8.57 -30.91 31.55
C ALA A 547 7.26 -30.62 30.81
N ILE A 548 6.66 -29.45 31.05
CA ILE A 548 5.47 -29.04 30.30
C ILE A 548 5.79 -28.93 28.81
N VAL A 549 6.94 -28.35 28.47
CA VAL A 549 7.34 -28.23 27.07
C VAL A 549 7.66 -29.60 26.47
N ASP A 550 8.40 -30.44 27.22
CA ASP A 550 8.85 -31.71 26.67
C ASP A 550 7.71 -32.71 26.49
N LEU A 551 6.71 -32.72 27.37
CA LEU A 551 5.62 -33.68 27.18
C LEU A 551 4.46 -33.13 26.35
N LEU A 552 4.24 -31.82 26.32
CA LEU A 552 3.07 -31.30 25.62
C LEU A 552 3.40 -30.39 24.45
N PHE A 553 4.26 -29.38 24.64
CA PHE A 553 4.55 -28.46 23.54
C PHE A 553 5.31 -29.14 22.40
N LYS A 554 6.20 -30.08 22.73
CA LYS A 554 6.98 -30.79 21.73
C LYS A 554 6.29 -32.05 21.25
N THR A 555 4.97 -32.17 21.48
CA THR A 555 4.16 -33.30 21.07
C THR A 555 2.94 -32.87 20.25
N ASN A 556 2.34 -31.73 20.55
CA ASN A 556 1.11 -31.29 19.91
C ASN A 556 1.24 -29.84 19.45
N ARG A 557 0.52 -29.52 18.37
CA ARG A 557 0.52 -28.16 17.85
C ARG A 557 -0.13 -27.19 18.83
N LYS A 558 -1.34 -27.51 19.28
CA LYS A 558 -2.13 -26.63 20.11
C LYS A 558 -2.31 -27.23 21.49
N VAL A 559 -1.98 -26.46 22.53
CA VAL A 559 -2.07 -26.91 23.91
C VAL A 559 -3.07 -26.00 24.63
N THR A 560 -4.06 -26.61 25.26
CA THR A 560 -5.07 -25.90 26.04
C THR A 560 -4.88 -26.15 27.53
N VAL A 561 -5.64 -25.42 28.33
CA VAL A 561 -5.53 -25.52 29.79
C VAL A 561 -6.01 -26.89 30.27
N LYS A 562 -7.02 -27.45 29.60
CA LYS A 562 -7.52 -28.77 29.96
C LYS A 562 -6.46 -29.84 29.74
N GLN A 563 -5.68 -29.70 28.66
CA GLN A 563 -4.61 -30.65 28.39
C GLN A 563 -3.51 -30.57 29.46
N LEU A 564 -3.20 -29.36 29.94
CA LEU A 564 -2.23 -29.23 31.02
C LEU A 564 -2.73 -29.85 32.31
N LYS A 565 -3.99 -29.58 32.67
CA LYS A 565 -4.47 -30.09 33.96
C LYS A 565 -4.81 -31.58 33.92
N GLU A 566 -5.02 -32.17 32.73
CA GLU A 566 -5.32 -33.59 32.64
C GLU A 566 -4.12 -34.45 32.33
N ASP A 567 -3.23 -34.03 31.43
CA ASP A 567 -2.13 -34.88 30.98
C ASP A 567 -0.81 -34.59 31.69
N TYR A 568 -0.73 -33.52 32.48
CA TYR A 568 0.48 -33.24 33.24
C TYR A 568 0.23 -33.20 34.75
N PHE A 569 -0.69 -32.34 35.21
CA PHE A 569 -0.84 -32.13 36.64
C PHE A 569 -1.42 -33.34 37.34
N LYS A 570 -2.41 -33.98 36.73
CA LYS A 570 -2.95 -35.22 37.28
C LYS A 570 -2.03 -36.40 36.99
N LYS A 571 -1.38 -36.41 35.81
CA LYS A 571 -0.59 -37.56 35.40
C LYS A 571 0.77 -37.60 36.07
N ILE A 572 1.47 -36.47 36.14
CA ILE A 572 2.83 -36.42 36.66
C ILE A 572 2.86 -35.83 38.06
N GLU A 573 2.26 -34.67 38.26
CA GLU A 573 2.28 -34.01 39.57
C GLU A 573 1.23 -34.57 40.52
N CYS A 574 0.31 -35.42 40.03
CA CYS A 574 -0.74 -36.05 40.83
C CYS A 574 -1.62 -35.01 41.53
N PHE A 575 -1.93 -33.92 40.84
CA PHE A 575 -2.77 -32.86 41.38
C PHE A 575 -4.17 -33.00 40.80
N ASP A 576 -5.15 -33.23 41.69
CA ASP A 576 -6.53 -33.46 41.25
C ASP A 576 -7.18 -32.17 40.76
N SER A 577 -7.03 -31.08 41.51
CA SER A 577 -7.70 -29.82 41.21
C SER A 577 -6.67 -28.72 41.09
N VAL A 578 -6.53 -28.17 39.88
CA VAL A 578 -5.58 -27.10 39.59
C VAL A 578 -6.34 -25.93 39.01
N GLU A 579 -6.00 -24.72 39.47
CA GLU A 579 -6.53 -23.48 38.94
C GLU A 579 -5.42 -22.69 38.28
N ILE A 580 -5.60 -22.33 37.02
CA ILE A 580 -4.59 -21.65 36.22
C ILE A 580 -5.14 -20.28 35.83
N SER A 581 -4.36 -19.23 36.11
CA SER A 581 -4.76 -17.87 35.80
C SER A 581 -3.89 -17.19 34.76
N GLY A 582 -2.70 -17.74 34.48
CA GLY A 582 -1.81 -17.11 33.51
C GLY A 582 -2.35 -17.15 32.08
N VAL A 583 -2.90 -18.29 31.67
CA VAL A 583 -3.44 -18.47 30.34
C VAL A 583 -4.91 -18.85 30.45
N GLU A 584 -5.74 -18.26 29.59
CA GLU A 584 -7.20 -18.41 29.73
C GLU A 584 -7.69 -19.73 29.12
N ASP A 585 -7.48 -19.91 27.82
CA ASP A 585 -7.99 -21.09 27.12
C ASP A 585 -6.90 -21.95 26.53
N ARG A 586 -6.02 -21.36 25.71
CA ARG A 586 -4.95 -22.12 25.07
C ARG A 586 -3.78 -21.19 24.82
N PHE A 587 -2.62 -21.78 24.55
CA PHE A 587 -1.41 -21.01 24.34
C PHE A 587 -1.39 -20.46 22.92
N ASN A 588 -1.23 -19.14 22.79
CA ASN A 588 -1.17 -18.51 21.48
C ASN A 588 0.09 -18.91 20.72
N ALA A 589 1.23 -18.94 21.41
CA ALA A 589 2.47 -19.40 20.79
C ALA A 589 2.48 -20.91 20.65
N SER A 590 3.19 -21.39 19.63
CA SER A 590 3.23 -22.81 19.34
C SER A 590 4.52 -23.17 18.62
N LEU A 591 4.87 -24.44 18.66
CA LEU A 591 6.09 -24.94 18.02
C LEU A 591 5.76 -25.61 16.68
N GLY A 592 5.33 -24.78 15.74
CA GLY A 592 5.07 -25.26 14.39
C GLY A 592 6.33 -25.71 13.67
N THR A 593 7.40 -24.92 13.78
CA THR A 593 8.65 -25.22 13.07
C THR A 593 9.27 -26.50 13.60
N TYR A 594 9.24 -26.71 14.92
CA TYR A 594 9.79 -27.93 15.52
C TYR A 594 9.10 -29.17 14.98
N HIS A 595 7.77 -29.18 14.95
CA HIS A 595 7.06 -30.33 14.42
C HIS A 595 7.20 -30.43 12.90
N ASP A 596 7.47 -29.32 12.22
CA ASP A 596 7.75 -29.39 10.79
C ASP A 596 9.08 -30.10 10.52
N LEU A 597 10.12 -29.75 11.28
CA LEU A 597 11.38 -30.49 11.18
C LEU A 597 11.23 -31.94 11.62
N LEU A 598 10.40 -32.18 12.63
CA LEU A 598 10.12 -33.57 13.04
C LEU A 598 9.34 -34.32 11.98
N LYS A 599 8.59 -33.61 11.13
CA LYS A 599 7.96 -34.23 9.98
C LYS A 599 8.97 -34.56 8.88
N ILE A 600 9.87 -33.63 8.57
CA ILE A 600 10.78 -33.86 7.44
C ILE A 600 11.82 -34.92 7.79
N ILE A 601 12.36 -34.90 9.02
CA ILE A 601 13.21 -35.97 9.53
C ILE A 601 12.63 -36.43 10.87
N LYS A 602 12.49 -37.74 11.03
CA LYS A 602 11.93 -38.32 12.25
C LYS A 602 12.98 -38.63 13.31
N ASP A 603 14.22 -38.19 13.09
CA ASP A 603 15.31 -38.36 14.03
C ASP A 603 15.18 -37.37 15.18
N LYS A 604 14.23 -37.64 16.09
CA LYS A 604 13.82 -36.64 17.09
C LYS A 604 14.94 -36.23 18.03
N ASP A 605 15.82 -37.17 18.42
CA ASP A 605 16.91 -36.82 19.31
C ASP A 605 17.92 -35.87 18.66
N PHE A 606 18.03 -35.94 17.33
CA PHE A 606 18.81 -34.96 16.59
C PHE A 606 18.23 -33.55 16.72
N LEU A 607 16.89 -33.44 16.67
CA LEU A 607 16.25 -32.15 16.92
C LEU A 607 16.41 -31.71 18.38
N ASP A 608 16.46 -32.65 19.32
CA ASP A 608 16.62 -32.31 20.72
C ASP A 608 18.08 -32.13 21.13
N ASN A 609 19.01 -32.26 20.18
CA ASN A 609 20.42 -32.07 20.44
C ASN A 609 20.78 -30.60 20.27
N GLU A 610 21.51 -30.04 21.24
CA GLU A 610 21.88 -28.63 21.20
C GLU A 610 22.98 -28.36 20.17
N GLU A 611 23.71 -29.39 19.73
CA GLU A 611 24.79 -29.18 18.78
C GLU A 611 24.26 -28.91 17.37
N ASN A 612 23.05 -29.34 17.07
CA ASN A 612 22.47 -29.23 15.74
C ASN A 612 21.66 -27.94 15.56
N GLU A 613 21.67 -27.08 16.57
CA GLU A 613 20.82 -25.89 16.58
C GLU A 613 21.19 -24.94 15.45
N ASP A 614 22.48 -24.69 15.26
CA ASP A 614 22.93 -23.73 14.26
C ASP A 614 22.69 -24.25 12.85
N ILE A 615 22.84 -25.56 12.65
CA ILE A 615 22.55 -26.17 11.35
C ILE A 615 21.07 -26.00 11.02
N LEU A 616 20.20 -26.28 11.99
CA LEU A 616 18.76 -26.13 11.76
C LEU A 616 18.41 -24.66 11.54
N GLU A 617 19.10 -23.75 12.24
CA GLU A 617 18.93 -22.32 12.00
C GLU A 617 19.35 -21.95 10.59
N ASP A 618 20.40 -22.58 10.06
CA ASP A 618 20.82 -22.28 8.71
C ASP A 618 19.80 -22.75 7.68
N ILE A 619 19.17 -23.91 7.93
CA ILE A 619 18.10 -24.35 7.03
C ILE A 619 16.90 -23.40 7.07
N VAL A 620 16.47 -22.98 8.27
CA VAL A 620 15.29 -22.09 8.28
C VAL A 620 15.65 -20.72 7.70
N LEU A 621 16.90 -20.28 7.90
CA LEU A 621 17.41 -19.10 7.20
C LEU A 621 17.40 -19.27 5.68
N THR A 622 17.64 -20.49 5.19
CA THR A 622 17.62 -20.73 3.76
C THR A 622 16.21 -20.65 3.21
N LEU A 623 15.26 -21.35 3.83
CA LEU A 623 13.89 -21.35 3.30
C LEU A 623 13.16 -20.03 3.52
N THR A 624 13.56 -19.22 4.50
CA THR A 624 12.91 -17.92 4.64
C THR A 624 13.29 -16.99 3.50
N LEU A 625 14.55 -17.03 3.07
CA LEU A 625 15.08 -16.03 2.15
C LEU A 625 14.69 -16.29 0.70
N PHE A 626 14.80 -17.55 0.26
CA PHE A 626 14.70 -17.88 -1.16
C PHE A 626 13.40 -18.61 -1.45
N GLU A 627 12.88 -18.42 -2.66
CA GLU A 627 11.66 -19.08 -3.10
C GLU A 627 11.87 -19.94 -4.34
N ASP A 628 13.02 -19.84 -5.00
CA ASP A 628 13.29 -20.57 -6.22
C ASP A 628 14.06 -21.83 -5.84
N ARG A 629 13.84 -22.89 -6.62
CA ARG A 629 14.30 -24.22 -6.21
C ARG A 629 15.81 -24.40 -6.37
N GLU A 630 16.43 -23.71 -7.33
CA GLU A 630 17.84 -23.92 -7.66
C GLU A 630 18.75 -23.54 -6.50
N MET A 631 18.62 -22.32 -5.99
CA MET A 631 19.62 -21.82 -5.06
C MET A 631 19.37 -22.42 -3.68
N ILE A 632 18.09 -22.73 -3.38
CA ILE A 632 17.73 -23.53 -2.21
C ILE A 632 18.37 -24.90 -2.28
N GLU A 633 18.32 -25.53 -3.46
CA GLU A 633 18.99 -26.81 -3.66
C GLU A 633 20.48 -26.71 -3.43
N GLU A 634 21.09 -25.61 -3.89
CA GLU A 634 22.52 -25.42 -3.67
C GLU A 634 22.85 -25.24 -2.19
N ARG A 635 22.02 -24.51 -1.44
CA ARG A 635 22.33 -24.25 -0.04
C ARG A 635 22.17 -25.51 0.81
N LEU A 636 21.11 -26.29 0.57
CA LEU A 636 20.86 -27.43 1.43
C LEU A 636 21.71 -28.64 1.08
N LYS A 637 22.32 -28.65 -0.11
CA LYS A 637 23.11 -29.79 -0.55
C LYS A 637 24.37 -29.99 0.29
N THR A 638 24.80 -28.96 1.03
CA THR A 638 25.95 -29.11 1.91
C THR A 638 25.69 -30.14 3.01
N TYR A 639 24.46 -30.20 3.51
CA TYR A 639 24.10 -31.07 4.62
C TYR A 639 23.73 -32.49 4.18
N ALA A 640 24.06 -32.87 2.94
CA ALA A 640 23.73 -34.20 2.43
C ALA A 640 24.44 -35.32 3.18
N HIS A 641 25.55 -35.04 3.84
CA HIS A 641 26.28 -36.06 4.58
C HIS A 641 25.71 -36.30 5.98
N LEU A 642 24.73 -35.50 6.42
CA LEU A 642 24.01 -35.81 7.64
C LEU A 642 22.78 -36.67 7.39
N PHE A 643 21.99 -36.32 6.38
CA PHE A 643 20.80 -37.07 6.01
C PHE A 643 20.51 -36.83 4.54
N ASP A 644 19.72 -37.71 3.93
CA ASP A 644 19.70 -37.80 2.48
C ASP A 644 18.39 -38.39 1.99
N ASP A 645 18.27 -38.43 0.66
CA ASP A 645 17.19 -39.09 -0.10
C ASP A 645 15.84 -38.49 0.27
N LYS A 646 14.94 -39.26 0.91
CA LYS A 646 13.53 -38.87 1.03
C LYS A 646 13.36 -37.59 1.83
N VAL A 647 14.19 -37.39 2.87
CA VAL A 647 14.06 -36.19 3.68
C VAL A 647 14.45 -34.95 2.88
N MET A 648 15.45 -35.06 2.00
CA MET A 648 15.83 -33.93 1.16
C MET A 648 14.77 -33.64 0.10
N LYS A 649 14.28 -34.69 -0.56
CA LYS A 649 13.25 -34.52 -1.57
C LYS A 649 11.96 -33.98 -0.96
N GLN A 650 11.71 -34.28 0.31
CA GLN A 650 10.54 -33.71 0.99
C GLN A 650 10.77 -32.26 1.39
N LEU A 651 11.91 -31.98 2.04
CA LEU A 651 12.14 -30.65 2.59
C LEU A 651 12.40 -29.61 1.51
N LYS A 652 12.73 -30.06 0.29
CA LYS A 652 12.90 -29.11 -0.82
C LYS A 652 11.61 -28.38 -1.19
N ARG A 653 10.45 -28.89 -0.78
CA ARG A 653 9.17 -28.28 -1.09
C ARG A 653 8.70 -27.28 -0.03
N ARG A 654 9.33 -27.26 1.14
CA ARG A 654 8.93 -26.37 2.21
C ARG A 654 9.37 -24.94 1.91
N ARG A 655 8.55 -23.98 2.35
CA ARG A 655 8.91 -22.57 2.28
C ARG A 655 8.32 -21.85 3.48
N TYR A 656 9.07 -20.91 4.02
CA TYR A 656 8.62 -20.03 5.09
C TYR A 656 8.63 -18.58 4.61
N THR A 657 7.71 -17.79 5.16
CA THR A 657 7.60 -16.37 4.86
C THR A 657 7.58 -15.58 6.15
N GLY A 658 8.13 -14.37 6.09
CA GLY A 658 8.13 -13.48 7.24
C GLY A 658 9.48 -13.44 7.95
N TRP A 659 9.57 -12.54 8.92
CA TRP A 659 10.82 -12.32 9.64
C TRP A 659 10.52 -11.93 11.08
N GLY A 660 11.40 -12.36 11.98
CA GLY A 660 11.17 -12.16 13.41
C GLY A 660 11.63 -10.80 13.90
N ARG A 661 11.22 -10.48 15.13
CA ARG A 661 11.52 -9.21 15.76
C ARG A 661 12.76 -9.25 16.65
N LEU A 662 13.47 -10.37 16.74
CA LEU A 662 14.57 -10.52 17.69
C LEU A 662 15.74 -11.25 17.06
N SER A 663 16.89 -11.15 17.73
CA SER A 663 18.16 -11.64 17.23
C SER A 663 18.67 -12.76 18.11
N ARG A 664 19.60 -13.54 17.57
CA ARG A 664 20.33 -14.51 18.37
C ARG A 664 21.12 -13.83 19.48
N LYS A 665 21.74 -12.69 19.17
CA LYS A 665 22.65 -12.01 20.09
C LYS A 665 21.94 -11.36 21.28
N LEU A 666 20.61 -11.41 21.31
CA LEU A 666 19.87 -10.98 22.48
C LEU A 666 19.16 -12.12 23.19
N ILE A 667 18.55 -13.04 22.43
CA ILE A 667 17.81 -14.16 23.03
C ILE A 667 18.75 -15.03 23.85
N ASN A 668 19.77 -15.58 23.20
CA ASN A 668 20.79 -16.38 23.86
C ASN A 668 22.15 -15.78 23.45
N GLY A 669 22.28 -14.47 23.70
CA GLY A 669 23.46 -13.73 23.31
C GLY A 669 24.19 -13.10 24.47
N ILE A 670 23.90 -11.81 24.72
CA ILE A 670 24.55 -11.09 25.80
C ILE A 670 24.25 -11.74 27.15
N ARG A 671 25.22 -11.67 28.05
CA ARG A 671 25.16 -12.39 29.32
C ARG A 671 25.30 -11.41 30.48
N ASP A 672 24.44 -11.59 31.48
CA ASP A 672 24.50 -10.77 32.68
C ASP A 672 25.80 -11.02 33.45
N LYS A 673 26.33 -9.94 34.05
CA LYS A 673 27.63 -10.05 34.72
C LYS A 673 27.53 -10.82 36.03
N GLN A 674 26.53 -10.53 36.86
CA GLN A 674 26.44 -11.14 38.18
C GLN A 674 25.70 -12.48 38.14
N SER A 675 24.55 -12.53 37.45
CA SER A 675 23.80 -13.78 37.39
C SER A 675 24.43 -14.77 36.42
N GLY A 676 25.00 -14.28 35.32
CA GLY A 676 25.52 -15.17 34.30
C GLY A 676 24.45 -15.80 33.44
N LYS A 677 23.31 -15.14 33.26
CA LYS A 677 22.17 -15.68 32.54
C LYS A 677 21.67 -14.66 31.52
N THR A 678 21.20 -15.15 30.38
CA THR A 678 20.74 -14.29 29.30
C THR A 678 19.26 -13.95 29.50
N ILE A 679 18.61 -13.47 28.43
CA ILE A 679 17.15 -13.41 28.41
C ILE A 679 16.58 -14.81 28.53
N LEU A 680 17.12 -15.72 27.72
CA LEU A 680 16.54 -17.04 27.62
C LEU A 680 16.84 -17.90 28.83
N ASP A 681 18.04 -17.75 29.41
CA ASP A 681 18.37 -18.49 30.62
C ASP A 681 17.50 -18.03 31.79
N PHE A 682 17.23 -16.73 31.87
CA PHE A 682 16.27 -16.24 32.86
C PHE A 682 14.86 -16.74 32.58
N LEU A 683 14.50 -16.90 31.30
CA LEU A 683 13.18 -17.44 30.98
C LEU A 683 13.05 -18.90 31.37
N LYS A 684 14.13 -19.67 31.34
CA LYS A 684 14.04 -21.06 31.81
C LYS A 684 13.81 -21.12 33.31
N SER A 685 14.61 -20.40 34.09
CA SER A 685 14.49 -20.42 35.54
C SER A 685 14.79 -19.04 36.10
N ASP A 686 13.92 -18.55 36.98
CA ASP A 686 14.15 -17.27 37.64
C ASP A 686 13.74 -17.32 39.11
N GLY A 687 13.80 -18.50 39.73
CA GLY A 687 13.41 -18.61 41.12
C GLY A 687 11.91 -18.60 41.31
N PHE A 688 11.48 -17.98 42.41
CA PHE A 688 10.05 -17.91 42.71
C PHE A 688 9.34 -16.95 41.77
N ALA A 689 9.77 -15.69 41.75
CA ALA A 689 9.16 -14.70 40.87
C ALA A 689 9.74 -14.83 39.47
N ASN A 690 8.88 -15.10 38.49
CA ASN A 690 9.31 -15.23 37.10
C ASN A 690 9.18 -13.89 36.39
N ARG A 691 10.20 -13.54 35.62
CA ARG A 691 10.33 -12.20 35.04
C ARG A 691 10.27 -12.29 33.52
N ASN A 692 9.53 -11.36 32.92
CA ASN A 692 9.22 -11.35 31.50
C ASN A 692 10.27 -10.51 30.74
N PHE A 693 10.43 -10.82 29.44
CA PHE A 693 11.41 -10.20 28.56
C PHE A 693 11.34 -8.67 28.60
N MET A 694 10.12 -8.11 28.50
CA MET A 694 9.95 -6.66 28.66
C MET A 694 10.37 -6.19 30.04
N GLN A 695 10.18 -7.01 31.07
CA GLN A 695 10.60 -6.62 32.41
C GLN A 695 12.06 -6.93 32.68
N LEU A 696 12.66 -7.90 31.96
CA LEU A 696 14.12 -7.99 32.00
C LEU A 696 14.76 -6.74 31.41
N ILE A 697 14.19 -6.23 30.31
CA ILE A 697 14.64 -4.95 29.76
C ILE A 697 14.38 -3.83 30.77
N HIS A 698 13.18 -3.83 31.37
CA HIS A 698 12.77 -2.73 32.23
C HIS A 698 13.56 -2.68 33.53
N ASP A 699 14.06 -3.82 34.01
CA ASP A 699 14.74 -3.87 35.30
C ASP A 699 16.14 -3.25 35.15
N ASP A 700 16.44 -2.30 36.03
CA ASP A 700 17.74 -1.64 36.05
C ASP A 700 18.76 -2.35 36.93
N SER A 701 18.32 -3.30 37.76
CA SER A 701 19.22 -4.02 38.65
C SER A 701 20.20 -4.92 37.91
N LEU A 702 19.88 -5.28 36.66
CA LEU A 702 20.78 -6.07 35.83
C LEU A 702 21.51 -5.17 34.84
N THR A 703 22.55 -5.73 34.21
CA THR A 703 23.35 -5.00 33.25
C THR A 703 22.77 -5.02 31.84
N PHE A 704 21.59 -5.61 31.67
CA PHE A 704 21.03 -5.81 30.34
C PHE A 704 20.58 -4.50 29.71
N LYS A 705 20.00 -3.60 30.52
CA LYS A 705 19.73 -2.25 30.03
C LYS A 705 21.00 -1.54 29.61
N GLU A 706 22.06 -1.66 30.42
CA GLU A 706 23.34 -1.04 30.09
C GLU A 706 23.92 -1.61 28.80
N ASP A 707 23.85 -2.94 28.66
CA ASP A 707 24.34 -3.60 27.45
C ASP A 707 23.56 -3.17 26.22
N ILE A 708 22.26 -2.94 26.37
CA ILE A 708 21.46 -2.45 25.24
C ILE A 708 21.84 -1.01 24.89
N GLN A 709 21.88 -0.13 25.89
CA GLN A 709 22.02 1.30 25.58
C GLN A 709 23.43 1.65 25.12
N LYS A 710 24.45 0.95 25.61
CA LYS A 710 25.81 1.21 25.15
C LYS A 710 26.04 0.72 23.73
N ALA A 711 25.21 -0.19 23.24
CA ALA A 711 25.33 -0.72 21.89
C ALA A 711 24.25 -0.23 20.94
N GLN A 712 23.16 0.35 21.47
CA GLN A 712 22.11 0.90 20.61
C GLN A 712 22.62 2.06 19.75
N VAL A 713 23.47 2.91 20.32
CA VAL A 713 23.90 4.13 19.65
C VAL A 713 24.70 3.78 18.39
N SER A 714 24.25 4.30 17.26
CA SER A 714 24.83 3.97 15.96
C SER A 714 24.80 5.19 15.05
N SER A 719 27.01 16.85 7.88
CA SER A 719 25.88 17.70 7.53
C SER A 719 24.58 17.09 8.02
N LEU A 720 23.55 17.93 8.15
CA LEU A 720 22.25 17.44 8.62
C LEU A 720 21.57 16.58 7.58
N HIS A 721 21.78 16.87 6.29
CA HIS A 721 21.25 16.01 5.22
C HIS A 721 21.88 14.62 5.27
N GLU A 722 23.20 14.56 5.47
CA GLU A 722 23.88 13.28 5.65
C GLU A 722 23.44 12.59 6.93
N HIS A 723 23.02 13.37 7.94
CA HIS A 723 22.58 12.80 9.21
C HIS A 723 21.15 12.28 9.14
N ILE A 724 20.30 12.84 8.27
CA ILE A 724 18.93 12.38 8.14
C ILE A 724 18.85 11.25 7.09
N ALA A 725 19.85 11.15 6.22
CA ALA A 725 19.83 10.18 5.12
C ALA A 725 19.77 8.73 5.56
N ASN A 726 20.03 8.41 6.84
CA ASN A 726 20.05 7.02 7.28
C ASN A 726 18.94 6.64 8.25
N LEU A 727 18.15 7.60 8.74
CA LEU A 727 17.22 7.31 9.84
C LEU A 727 16.03 6.48 9.38
N ALA A 728 15.37 5.86 10.37
CA ALA A 728 14.27 4.94 10.13
C ALA A 728 12.93 5.58 10.47
N GLY A 729 11.88 4.77 10.38
CA GLY A 729 10.53 5.21 10.66
C GLY A 729 9.69 5.41 9.42
N SER A 730 8.39 5.53 9.63
CA SER A 730 7.46 5.73 8.53
C SER A 730 7.63 7.13 7.94
N PRO A 731 7.43 7.28 6.62
CA PRO A 731 7.57 8.61 5.99
C PRO A 731 6.64 9.69 6.51
N ALA A 732 5.46 9.33 7.04
CA ALA A 732 4.52 10.33 7.53
C ALA A 732 5.06 11.08 8.76
N ILE A 733 6.05 10.52 9.45
CA ILE A 733 6.56 11.14 10.66
C ILE A 733 8.02 11.58 10.49
N LYS A 734 8.78 10.96 9.57
CA LYS A 734 10.15 11.39 9.28
C LYS A 734 10.16 12.83 8.80
N LYS A 735 9.16 13.20 7.97
CA LYS A 735 8.99 14.59 7.54
C LYS A 735 8.80 15.50 8.74
N GLY A 736 7.97 15.07 9.69
CA GLY A 736 7.77 15.86 10.90
C GLY A 736 9.05 16.08 11.69
N ILE A 737 9.86 15.03 11.85
CA ILE A 737 11.12 15.18 12.60
C ILE A 737 12.09 16.11 11.88
N LEU A 738 12.26 15.93 10.57
CA LEU A 738 13.19 16.78 9.82
C LEU A 738 12.74 18.23 9.86
N GLN A 739 11.43 18.46 9.76
CA GLN A 739 10.98 19.84 9.79
C GLN A 739 11.07 20.45 11.19
N THR A 740 10.89 19.67 12.25
CA THR A 740 11.04 20.29 13.57
C THR A 740 12.50 20.60 13.89
N VAL A 741 13.45 19.77 13.43
CA VAL A 741 14.84 20.13 13.67
C VAL A 741 15.22 21.37 12.85
N LYS A 742 14.68 21.48 11.62
CA LYS A 742 14.87 22.71 10.86
C LYS A 742 14.24 23.92 11.55
N VAL A 743 13.07 23.73 12.17
CA VAL A 743 12.41 24.82 12.90
C VAL A 743 13.28 25.24 14.09
N VAL A 744 13.86 24.27 14.80
CA VAL A 744 14.79 24.56 15.88
C VAL A 744 16.01 25.30 15.35
N ASP A 745 16.48 24.94 14.16
CA ASP A 745 17.61 25.64 13.55
C ASP A 745 17.28 27.10 13.26
N GLU A 746 16.11 27.36 12.67
CA GLU A 746 15.69 28.75 12.42
C GLU A 746 15.48 29.51 13.72
N LEU A 747 14.99 28.83 14.76
CA LEU A 747 14.74 29.52 16.03
C LEU A 747 16.04 29.89 16.73
N VAL A 748 17.03 29.00 16.68
CA VAL A 748 18.36 29.34 17.19
C VAL A 748 18.95 30.48 16.39
N LYS A 749 18.76 30.45 15.06
CA LYS A 749 19.25 31.54 14.21
C LYS A 749 18.61 32.87 14.57
N VAL A 750 17.32 32.86 14.91
CA VAL A 750 16.65 34.09 15.32
C VAL A 750 17.22 34.62 16.62
N MET A 751 17.30 33.77 17.65
CA MET A 751 17.66 34.23 18.99
C MET A 751 19.16 34.34 19.21
N GLY A 752 19.87 34.98 18.28
CA GLY A 752 21.29 35.30 18.46
C GLY A 752 22.19 34.11 18.71
N ARG A 753 21.79 32.92 18.23
CA ARG A 753 22.45 31.63 18.47
C ARG A 753 22.45 31.23 19.94
N HIS A 754 21.63 31.86 20.78
CA HIS A 754 21.55 31.48 22.18
C HIS A 754 20.73 30.21 22.33
N LYS A 755 21.20 29.30 23.18
CA LYS A 755 20.58 28.00 23.37
C LYS A 755 19.45 28.08 24.40
N PRO A 756 18.46 27.22 24.29
CA PRO A 756 17.42 27.16 25.32
C PRO A 756 17.91 26.45 26.57
N GLU A 757 17.18 26.67 27.67
CA GLU A 757 17.45 25.90 28.88
C GLU A 757 16.88 24.49 28.81
N ASN A 758 15.74 24.31 28.14
CA ASN A 758 15.12 23.01 27.98
C ASN A 758 14.11 23.07 26.83
N ILE A 759 14.00 21.95 26.10
CA ILE A 759 13.11 21.83 24.96
C ILE A 759 12.18 20.64 25.20
N VAL A 760 10.88 20.87 25.03
CA VAL A 760 9.85 19.89 25.36
C VAL A 760 9.37 19.23 24.08
N ILE A 761 9.29 17.89 24.10
CA ILE A 761 9.02 17.07 22.92
C ILE A 761 7.84 16.14 23.21
N GLU A 762 6.89 16.06 22.27
CA GLU A 762 5.69 15.27 22.45
C GLU A 762 5.93 13.78 22.24
N MET A 763 5.19 12.96 22.99
CA MET A 763 4.99 11.55 22.66
C MET A 763 3.49 11.24 22.58
N GLN A 926 7.95 3.29 16.10
CA GLN A 926 9.14 3.37 15.26
C GLN A 926 9.99 4.58 15.65
N ILE A 927 9.34 5.57 16.25
CA ILE A 927 9.91 6.89 16.50
C ILE A 927 10.24 7.10 17.98
N THR A 928 10.07 6.06 18.81
CA THR A 928 9.97 6.20 20.26
C THR A 928 11.19 6.83 20.92
N LYS A 929 12.38 6.70 20.33
CA LYS A 929 13.55 7.39 20.86
C LYS A 929 14.02 8.42 19.83
N HIS A 930 13.68 8.20 18.56
CA HIS A 930 13.93 9.16 17.48
C HIS A 930 13.32 10.53 17.75
N VAL A 931 12.28 10.61 18.60
CA VAL A 931 11.72 11.89 19.00
C VAL A 931 12.76 12.76 19.70
N ALA A 932 13.69 12.14 20.44
CA ALA A 932 14.70 12.91 21.17
C ALA A 932 16.06 12.88 20.49
N GLN A 933 16.42 11.72 19.95
CA GLN A 933 17.76 11.33 19.51
C GLN A 933 18.58 12.45 18.85
N ILE A 934 18.05 12.96 17.75
CA ILE A 934 18.79 13.91 16.92
C ILE A 934 18.99 15.22 17.66
N LEU A 935 17.96 15.67 18.40
CA LEU A 935 18.06 16.99 19.01
C LEU A 935 18.93 16.94 20.26
N ASP A 936 18.97 15.79 20.96
CA ASP A 936 20.02 15.60 21.97
C ASP A 936 21.40 15.65 21.33
N SER A 937 21.58 15.00 20.19
CA SER A 937 22.90 14.95 19.58
C SER A 937 23.35 16.32 19.08
N ARG A 938 22.40 17.12 18.57
CA ARG A 938 22.75 18.39 17.95
C ARG A 938 22.86 19.52 18.96
N MET A 939 22.01 19.54 19.99
CA MET A 939 22.17 20.55 21.04
C MET A 939 23.37 20.27 21.92
N ASN A 940 23.56 19.02 22.35
CA ASN A 940 24.61 18.69 23.31
C ASN A 940 25.86 18.29 22.51
N THR A 941 26.78 19.24 22.35
CA THR A 941 27.97 19.03 21.53
C THR A 941 29.26 19.20 22.31
N LYS A 942 29.19 19.35 23.64
CA LYS A 942 30.37 19.53 24.46
C LYS A 942 30.46 18.42 25.51
N TYR A 943 31.69 18.05 25.86
CA TYR A 943 31.93 16.99 26.83
C TYR A 943 33.28 17.24 27.50
N ASP A 944 33.50 16.55 28.61
CA ASP A 944 34.71 16.68 29.40
C ASP A 944 35.35 15.30 29.59
N GLU A 945 36.49 15.29 30.29
CA GLU A 945 37.18 14.03 30.56
C GLU A 945 36.45 13.20 31.60
N ASN A 946 35.81 13.84 32.58
CA ASN A 946 35.03 13.15 33.59
C ASN A 946 33.54 13.16 33.32
N ASP A 947 33.02 14.23 32.72
CA ASP A 947 31.63 14.31 32.33
C ASP A 947 31.50 13.85 30.88
N LYS A 948 30.77 12.75 30.67
CA LYS A 948 30.64 12.19 29.33
C LYS A 948 29.82 13.09 28.42
N LEU A 949 28.92 13.90 28.99
CA LEU A 949 28.13 14.84 28.21
C LEU A 949 27.69 15.98 29.12
N ILE A 950 27.80 17.20 28.63
CA ILE A 950 27.33 18.37 29.37
C ILE A 950 25.90 18.67 28.93
N ARG A 951 24.99 18.73 29.90
CA ARG A 951 23.58 18.97 29.63
C ARG A 951 23.29 20.47 29.61
N GLU A 952 23.72 21.13 28.54
CA GLU A 952 23.35 22.53 28.38
C GLU A 952 21.88 22.67 28.02
N VAL A 953 21.34 21.76 27.21
CA VAL A 953 19.93 21.74 26.83
C VAL A 953 19.34 20.42 27.29
N LYS A 954 18.24 20.49 28.06
CA LYS A 954 17.58 19.32 28.62
C LYS A 954 16.36 18.98 27.78
N VAL A 955 16.42 17.86 27.07
CA VAL A 955 15.33 17.45 26.19
C VAL A 955 14.28 16.73 27.04
N ILE A 956 13.14 17.38 27.24
CA ILE A 956 12.10 16.89 28.13
C ILE A 956 11.05 16.18 27.28
N THR A 957 10.75 14.95 27.64
CA THR A 957 9.80 14.11 26.92
C THR A 957 8.47 14.07 27.66
N LEU A 958 7.37 14.30 26.95
CA LEU A 958 6.05 14.28 27.55
C LEU A 958 5.08 13.44 26.74
N LYS A 959 4.02 13.02 27.44
CA LYS A 959 2.91 12.28 26.85
C LYS A 959 1.73 13.22 26.66
N SER A 960 0.93 12.95 25.63
CA SER A 960 -0.22 13.79 25.31
C SER A 960 -1.33 13.69 26.36
N LYS A 961 -1.31 12.64 27.19
CA LYS A 961 -2.33 12.47 28.22
C LYS A 961 -2.25 13.60 29.25
N LEU A 962 -1.03 13.98 29.65
CA LEU A 962 -0.84 15.04 30.65
C LEU A 962 -1.36 16.38 30.14
N VAL A 963 -1.00 16.74 28.90
CA VAL A 963 -1.42 18.03 28.35
C VAL A 963 -2.92 18.04 28.07
N SER A 964 -3.45 16.92 27.58
CA SER A 964 -4.89 16.81 27.36
C SER A 964 -5.67 16.92 28.67
N ASP A 965 -5.13 16.33 29.75
CA ASP A 965 -5.79 16.43 31.05
C ASP A 965 -5.69 17.84 31.61
N PHE A 966 -4.56 18.52 31.38
CA PHE A 966 -4.43 19.93 31.74
C PHE A 966 -5.45 20.79 31.02
N ARG A 967 -5.68 20.49 29.73
CA ARG A 967 -6.68 21.23 28.96
C ARG A 967 -8.10 20.94 29.44
N LYS A 968 -8.41 19.67 29.70
CA LYS A 968 -9.76 19.29 30.08
C LYS A 968 -10.12 19.75 31.48
N ASP A 969 -9.13 19.80 32.39
CA ASP A 969 -9.42 20.15 33.77
C ASP A 969 -9.66 21.63 33.98
N PHE A 970 -8.91 22.50 33.28
CA PHE A 970 -8.86 23.91 33.63
C PHE A 970 -9.39 24.80 32.52
N GLN A 971 -10.35 24.29 31.74
CA GLN A 971 -11.16 25.07 30.81
C GLN A 971 -10.37 25.75 29.70
N PHE A 972 -9.24 25.18 29.30
CA PHE A 972 -8.45 25.71 28.20
C PHE A 972 -8.63 24.83 26.96
N TYR A 973 -9.88 24.72 26.55
CA TYR A 973 -10.31 23.76 25.54
C TYR A 973 -9.87 24.16 24.14
N LYS A 974 -10.01 23.20 23.21
CA LYS A 974 -9.58 23.35 21.83
C LYS A 974 -10.42 22.45 20.92
N VAL A 975 -10.60 22.90 19.68
CA VAL A 975 -11.20 22.12 18.61
C VAL A 975 -10.32 22.24 17.36
N ARG A 976 -10.58 21.38 16.38
CA ARG A 976 -9.80 21.38 15.15
C ARG A 976 -10.40 22.24 14.04
N GLU A 977 -11.69 22.56 14.10
CA GLU A 977 -12.38 23.10 12.95
C GLU A 977 -12.26 24.61 12.82
N ILE A 978 -11.99 25.32 13.91
CA ILE A 978 -12.04 26.78 13.90
C ILE A 978 -10.82 27.36 13.20
N ASN A 979 -9.63 26.99 13.66
CA ASN A 979 -8.39 27.48 13.07
C ASN A 979 -7.27 26.50 13.40
N ASN A 980 -6.14 26.69 12.74
CA ASN A 980 -4.93 25.92 13.01
C ASN A 980 -4.07 26.52 14.11
N TYR A 981 -4.64 27.37 14.95
CA TYR A 981 -3.94 27.90 16.11
C TYR A 981 -3.79 26.87 17.22
N HIS A 982 -4.52 25.75 17.14
CA HIS A 982 -4.47 24.74 18.18
C HIS A 982 -3.13 24.04 18.23
N HIS A 983 -2.41 23.95 17.10
CA HIS A 983 -1.08 23.36 17.10
C HIS A 983 -0.10 24.22 17.91
N ALA A 984 -0.11 25.54 17.66
CA ALA A 984 0.76 26.43 18.40
C ALA A 984 0.38 26.49 19.88
N HIS A 985 -0.93 26.51 20.18
CA HIS A 985 -1.37 26.49 21.56
C HIS A 985 -0.96 25.20 22.27
N ASP A 986 -1.05 24.07 21.56
CA ASP A 986 -0.66 22.78 22.11
C ASP A 986 0.83 22.73 22.43
N ALA A 987 1.66 23.23 21.50
CA ALA A 987 3.10 23.25 21.74
C ALA A 987 3.46 24.19 22.89
N TYR A 988 2.77 25.33 22.98
CA TYR A 988 3.09 26.27 24.05
C TYR A 988 2.69 25.69 25.39
N LEU A 989 1.57 24.94 25.42
CA LEU A 989 1.17 24.24 26.62
C LEU A 989 2.15 23.12 26.98
N ASN A 990 2.71 22.45 25.97
CA ASN A 990 3.78 21.47 26.24
C ASN A 990 4.96 22.13 26.93
N ALA A 991 5.37 23.30 26.43
CA ALA A 991 6.45 24.04 27.07
C ALA A 991 6.09 24.41 28.51
N VAL A 992 4.83 24.84 28.72
CA VAL A 992 4.40 25.28 30.05
C VAL A 992 4.46 24.12 31.05
N VAL A 993 3.85 22.98 30.69
CA VAL A 993 3.81 21.85 31.61
C VAL A 993 5.19 21.24 31.81
N GLY A 994 6.00 21.17 30.74
CA GLY A 994 7.34 20.61 30.86
C GLY A 994 8.24 21.44 31.77
N THR A 995 8.23 22.75 31.59
CA THR A 995 9.01 23.62 32.47
C THR A 995 8.47 23.58 33.89
N ALA A 996 7.14 23.51 34.06
CA ALA A 996 6.56 23.44 35.39
C ALA A 996 6.95 22.16 36.12
N LEU A 997 7.01 21.04 35.42
CA LEU A 997 7.36 19.79 36.08
C LEU A 997 8.85 19.68 36.37
N ILE A 998 9.70 20.21 35.47
CA ILE A 998 11.13 20.14 35.80
C ILE A 998 11.45 21.09 36.95
N LYS A 999 10.77 22.26 37.01
CA LYS A 999 11.01 23.18 38.12
C LYS A 999 10.39 22.67 39.41
N LYS A 1000 9.24 22.02 39.36
CA LYS A 1000 8.55 21.57 40.56
C LYS A 1000 9.20 20.33 41.15
N ARG A 1078 -1.46 34.81 38.66
CA ARG A 1078 -0.95 35.56 37.51
C ARG A 1078 -0.58 34.61 36.36
N ASP A 1079 -0.21 33.38 36.70
CA ASP A 1079 0.14 32.41 35.66
C ASP A 1079 -1.10 31.96 34.89
N PHE A 1080 -2.23 31.83 35.56
CA PHE A 1080 -3.46 31.48 34.87
C PHE A 1080 -3.94 32.61 33.97
N ALA A 1081 -3.78 33.85 34.43
CA ALA A 1081 -4.07 34.99 33.59
C ALA A 1081 -3.15 35.03 32.37
N THR A 1082 -1.88 34.69 32.57
CA THR A 1082 -0.93 34.65 31.46
C THR A 1082 -1.31 33.56 30.46
N VAL A 1083 -1.66 32.37 30.94
CA VAL A 1083 -1.98 31.27 30.03
C VAL A 1083 -3.29 31.53 29.29
N ARG A 1084 -4.26 32.19 29.94
CA ARG A 1084 -5.50 32.53 29.27
C ARG A 1084 -5.28 33.65 28.25
N LYS A 1085 -4.38 34.57 28.56
CA LYS A 1085 -4.04 35.62 27.60
C LYS A 1085 -3.30 35.07 26.39
N VAL A 1086 -2.38 34.13 26.60
CA VAL A 1086 -1.63 33.58 25.48
C VAL A 1086 -2.55 32.71 24.62
N LEU A 1087 -3.46 31.96 25.25
CA LEU A 1087 -4.43 31.22 24.47
C LEU A 1087 -5.42 32.13 23.74
N SER A 1088 -5.48 33.41 24.11
CA SER A 1088 -6.36 34.35 23.44
C SER A 1088 -5.61 35.46 22.69
N MET A 1089 -4.32 35.27 22.40
CA MET A 1089 -3.60 36.23 21.57
C MET A 1089 -3.91 35.95 20.10
N PRO A 1090 -4.20 36.97 19.29
CA PRO A 1090 -4.67 36.74 17.92
C PRO A 1090 -3.58 36.47 16.90
N GLN A 1091 -2.39 37.00 17.10
CA GLN A 1091 -1.33 36.91 16.09
C GLN A 1091 -0.53 35.64 16.35
N VAL A 1092 -0.68 34.65 15.48
CA VAL A 1092 0.04 33.39 15.56
C VAL A 1092 0.60 33.08 14.18
N ASN A 1093 1.90 32.84 14.09
CA ASN A 1093 2.60 32.69 12.81
C ASN A 1093 2.30 31.32 12.21
N ILE A 1094 1.20 31.23 11.48
CA ILE A 1094 0.86 30.03 10.73
C ILE A 1094 1.58 30.08 9.38
N VAL A 1095 2.35 29.04 9.09
CA VAL A 1095 3.11 28.95 7.85
C VAL A 1095 2.71 27.67 7.13
N LYS A 1096 2.26 27.81 5.88
CA LYS A 1096 2.04 26.67 5.00
C LYS A 1096 3.28 26.50 4.13
N LYS A 1097 3.96 25.37 4.30
CA LYS A 1097 5.22 25.15 3.59
C LYS A 1097 4.98 25.01 2.10
N THR A 1098 5.83 25.68 1.31
CA THR A 1098 5.65 25.79 -0.13
C THR A 1098 6.37 24.65 -0.84
N GLU A 1099 5.64 23.81 -1.56
CA GLU A 1099 6.20 22.67 -2.27
C GLU A 1099 6.15 22.89 -3.78
N VAL A 1100 7.26 22.56 -4.44
CA VAL A 1100 7.18 22.17 -5.85
C VAL A 1100 6.56 20.79 -5.91
N GLN A 1101 5.50 20.64 -6.69
CA GLN A 1101 4.79 19.37 -6.75
C GLN A 1101 5.57 18.35 -7.57
N THR A 1102 5.64 17.12 -7.06
CA THR A 1102 6.30 16.01 -7.74
C THR A 1102 5.36 14.82 -7.76
N GLY A 1103 5.50 14.01 -8.79
CA GLY A 1103 4.68 12.83 -8.97
C GLY A 1103 4.41 12.60 -10.44
N GLY A 1104 3.34 11.86 -10.71
CA GLY A 1104 2.91 11.67 -12.07
C GLY A 1104 2.44 13.00 -12.66
N PHE A 1105 2.86 13.28 -13.89
CA PHE A 1105 2.58 14.60 -14.45
C PHE A 1105 1.15 14.74 -14.96
N SER A 1106 0.35 13.68 -14.95
CA SER A 1106 -1.03 13.77 -15.40
C SER A 1106 -1.85 12.64 -14.77
N LYS A 1107 -3.17 12.78 -14.84
CA LYS A 1107 -4.05 11.69 -14.47
C LYS A 1107 -3.96 10.57 -15.52
N GLU A 1108 -4.21 9.35 -15.06
CA GLU A 1108 -3.81 8.16 -15.80
C GLU A 1108 -4.79 7.69 -16.87
N SER A 1109 -6.05 8.13 -16.82
CA SER A 1109 -7.06 7.68 -17.79
C SER A 1109 -6.78 8.29 -19.16
N ILE A 1110 -6.60 7.43 -20.17
CA ILE A 1110 -6.39 7.91 -21.53
C ILE A 1110 -7.75 8.24 -22.16
N ARG A 1111 -7.96 9.51 -22.47
CA ARG A 1111 -9.22 9.99 -23.06
C ARG A 1111 -9.22 9.77 -24.58
N PRO A 1112 -10.40 9.58 -25.19
CA PRO A 1112 -10.43 9.33 -26.63
C PRO A 1112 -10.20 10.61 -27.44
N LYS A 1113 -10.11 10.42 -28.75
CA LYS A 1113 -9.73 11.50 -29.67
C LYS A 1113 -10.73 12.65 -29.64
N ARG A 1114 -10.20 13.86 -29.81
CA ARG A 1114 -11.01 15.07 -29.81
C ARG A 1114 -10.22 16.18 -30.48
N ASN A 1115 -10.91 17.26 -30.82
CA ASN A 1115 -10.31 18.38 -31.55
C ASN A 1115 -9.69 19.40 -30.59
N SER A 1116 -9.83 19.19 -29.28
CA SER A 1116 -9.29 20.14 -28.32
C SER A 1116 -7.77 20.06 -28.27
N ASP A 1117 -7.15 21.21 -28.03
CA ASP A 1117 -5.70 21.31 -27.88
C ASP A 1117 -5.20 21.03 -26.46
N LYS A 1118 -6.12 20.76 -25.54
CA LYS A 1118 -5.78 20.53 -24.15
C LYS A 1118 -5.35 19.08 -23.89
N LEU A 1119 -5.64 18.17 -24.83
CA LEU A 1119 -5.19 16.79 -24.73
C LEU A 1119 -3.68 16.72 -24.77
N ILE A 1120 -3.09 16.01 -23.83
CA ILE A 1120 -1.65 15.83 -23.75
C ILE A 1120 -1.24 14.67 -24.63
N ALA A 1121 -0.20 14.86 -25.45
CA ALA A 1121 0.25 13.83 -26.36
C ALA A 1121 0.87 12.66 -25.60
N ARG A 1122 0.46 11.45 -25.94
CA ARG A 1122 0.94 10.25 -25.27
C ARG A 1122 2.31 9.82 -25.79
N LYS A 1123 2.72 10.33 -26.95
CA LYS A 1123 4.04 10.11 -27.49
C LYS A 1123 4.44 11.33 -28.31
N LYS A 1124 5.71 11.35 -28.74
CA LYS A 1124 6.20 12.50 -29.49
C LYS A 1124 5.53 12.61 -30.85
N ASP A 1125 5.35 11.49 -31.55
CA ASP A 1125 4.79 11.48 -32.89
C ASP A 1125 3.30 11.18 -32.93
N TRP A 1126 2.65 11.03 -31.78
CA TRP A 1126 1.21 10.75 -31.74
C TRP A 1126 0.49 12.06 -31.45
N ASP A 1127 -0.13 12.62 -32.48
CA ASP A 1127 -0.92 13.84 -32.33
C ASP A 1127 -2.16 13.54 -31.52
N PRO A 1128 -2.38 14.23 -30.38
CA PRO A 1128 -3.56 13.91 -29.56
C PRO A 1128 -4.89 14.22 -30.22
N LYS A 1129 -4.92 15.03 -31.27
CA LYS A 1129 -6.15 15.25 -32.02
C LYS A 1129 -6.61 13.99 -32.74
N LYS A 1130 -5.71 13.05 -33.02
CA LYS A 1130 -6.02 11.83 -33.73
C LYS A 1130 -5.94 10.58 -32.87
N TYR A 1131 -5.02 10.55 -31.91
CA TYR A 1131 -4.77 9.36 -31.10
C TYR A 1131 -5.25 9.49 -29.66
N GLY A 1132 -5.89 10.59 -29.29
CA GLY A 1132 -6.26 10.80 -27.90
C GLY A 1132 -5.04 11.09 -27.04
N GLY A 1133 -5.28 11.11 -25.74
CA GLY A 1133 -4.19 11.37 -24.82
C GLY A 1133 -4.67 11.58 -23.40
N PHE A 1134 -3.71 11.93 -22.55
CA PHE A 1134 -3.93 12.18 -21.13
C PHE A 1134 -4.55 13.56 -20.92
N LEU A 1135 -4.98 13.79 -19.67
CA LEU A 1135 -5.62 15.02 -19.26
C LEU A 1135 -5.42 15.22 -17.77
N TRP A 1136 -5.84 16.39 -17.29
CA TRP A 1136 -5.55 16.90 -15.95
C TRP A 1136 -4.06 16.86 -15.62
N PRO A 1137 -3.23 17.69 -16.26
CA PRO A 1137 -1.81 17.73 -15.89
C PRO A 1137 -1.60 18.35 -14.53
N THR A 1138 -0.49 17.99 -13.89
CA THR A 1138 -0.13 18.49 -12.57
C THR A 1138 0.93 19.57 -12.71
N VAL A 1139 0.73 20.69 -12.04
CA VAL A 1139 1.65 21.83 -12.11
C VAL A 1139 2.64 21.73 -10.97
N ALA A 1140 3.94 21.67 -11.30
CA ALA A 1140 4.97 21.63 -10.27
C ALA A 1140 5.09 22.96 -9.55
N TYR A 1141 5.18 24.05 -10.30
CA TYR A 1141 5.16 25.39 -9.74
C TYR A 1141 4.75 26.37 -10.83
N SER A 1142 4.33 27.55 -10.40
CA SER A 1142 3.98 28.60 -11.34
C SER A 1142 5.13 29.57 -11.51
N VAL A 1143 5.14 30.26 -12.65
CA VAL A 1143 6.20 31.20 -12.99
C VAL A 1143 5.54 32.49 -13.45
N LEU A 1144 5.86 33.60 -12.78
CA LEU A 1144 5.37 34.91 -13.17
C LEU A 1144 6.22 35.46 -14.30
N VAL A 1145 5.60 35.72 -15.44
CA VAL A 1145 6.29 36.27 -16.60
C VAL A 1145 5.70 37.64 -16.93
N VAL A 1146 6.57 38.56 -17.31
CA VAL A 1146 6.19 39.80 -17.97
C VAL A 1146 6.86 39.81 -19.34
N ALA A 1147 6.10 40.16 -20.37
CA ALA A 1147 6.54 40.02 -21.76
C ALA A 1147 5.54 40.75 -22.65
N LYS A 1148 5.79 40.68 -23.95
CA LYS A 1148 4.87 41.14 -24.98
C LYS A 1148 4.27 39.91 -25.67
N VAL A 1149 2.96 39.94 -25.92
CA VAL A 1149 2.25 38.82 -26.51
C VAL A 1149 1.59 39.27 -27.80
N GLU A 1150 1.82 38.52 -28.88
CA GLU A 1150 1.15 38.68 -30.16
C GLU A 1150 -0.35 38.47 -29.98
N LYS A 1151 -1.10 39.56 -30.05
CA LYS A 1151 -2.56 39.54 -30.01
C LYS A 1151 -3.13 40.31 -31.19
N GLY A 1152 -4.29 39.89 -31.64
CA GLY A 1152 -5.04 40.65 -32.63
C GLY A 1152 -4.67 40.28 -34.05
N LYS A 1153 -5.64 40.47 -34.95
CA LYS A 1153 -5.41 40.27 -36.37
C LYS A 1153 -4.49 41.34 -36.93
N SER A 1154 -4.78 42.61 -36.62
CA SER A 1154 -3.88 43.72 -36.92
C SER A 1154 -2.86 43.78 -35.79
N LYS A 1155 -1.69 43.19 -36.05
CA LYS A 1155 -0.76 42.86 -35.00
C LYS A 1155 -0.06 44.08 -34.39
N LYS A 1156 0.00 44.09 -33.06
CA LYS A 1156 0.82 45.02 -32.29
C LYS A 1156 1.25 44.26 -31.03
N LEU A 1157 2.30 44.73 -30.37
CA LEU A 1157 2.89 44.02 -29.24
C LEU A 1157 2.38 44.64 -27.94
N LYS A 1158 1.46 43.97 -27.28
CA LYS A 1158 0.89 44.45 -26.01
C LYS A 1158 1.62 43.78 -24.85
N SER A 1159 2.05 44.59 -23.89
CA SER A 1159 2.65 44.07 -22.67
C SER A 1159 1.60 43.45 -21.75
N VAL A 1160 1.99 42.40 -21.04
CA VAL A 1160 1.08 41.70 -20.15
C VAL A 1160 1.90 41.03 -19.05
N LYS A 1161 1.36 41.01 -17.84
CA LYS A 1161 1.92 40.29 -16.71
C LYS A 1161 0.94 39.21 -16.28
N GLU A 1162 1.38 37.95 -16.29
CA GLU A 1162 0.49 36.86 -15.94
C GLU A 1162 1.32 35.67 -15.47
N LEU A 1163 0.67 34.81 -14.68
CA LEU A 1163 1.28 33.57 -14.23
C LEU A 1163 1.14 32.50 -15.31
N LEU A 1164 2.14 31.62 -15.36
CA LEU A 1164 2.08 30.45 -16.23
C LEU A 1164 2.51 29.24 -15.42
N GLY A 1165 1.71 28.18 -15.46
CA GLY A 1165 2.00 27.00 -14.67
C GLY A 1165 2.95 26.06 -15.35
N ILE A 1166 4.07 25.74 -14.70
CA ILE A 1166 5.03 24.80 -15.24
C ILE A 1166 4.58 23.42 -14.76
N THR A 1167 4.44 22.49 -15.70
CA THR A 1167 4.04 21.15 -15.32
C THR A 1167 5.26 20.30 -15.01
N ILE A 1168 5.03 19.09 -14.50
CA ILE A 1168 6.11 18.22 -14.12
C ILE A 1168 6.87 17.73 -15.35
N MET A 1169 6.15 17.46 -16.44
CA MET A 1169 6.81 17.02 -17.68
C MET A 1169 7.59 18.15 -18.34
N GLU A 1170 7.13 19.40 -18.22
CA GLU A 1170 7.85 20.54 -18.77
C GLU A 1170 8.81 21.18 -17.79
N ARG A 1171 8.97 20.61 -16.59
CA ARG A 1171 9.84 21.20 -15.58
C ARG A 1171 11.30 21.19 -16.01
N SER A 1172 11.78 20.02 -16.46
CA SER A 1172 13.17 19.91 -16.90
C SER A 1172 13.45 20.77 -18.12
N SER A 1173 12.54 20.77 -19.09
CA SER A 1173 12.74 21.58 -20.29
C SER A 1173 12.67 23.07 -19.97
N PHE A 1174 11.97 23.45 -18.90
CA PHE A 1174 11.99 24.85 -18.46
C PHE A 1174 13.30 25.18 -17.77
N GLU A 1175 13.83 24.26 -16.96
CA GLU A 1175 15.04 24.56 -16.21
C GLU A 1175 16.31 24.45 -17.05
N LYS A 1176 16.28 23.75 -18.19
CA LYS A 1176 17.44 23.79 -19.09
C LYS A 1176 17.62 25.19 -19.69
N ASN A 1177 16.53 25.79 -20.17
CA ASN A 1177 16.59 27.11 -20.78
C ASN A 1177 15.22 27.76 -20.64
N PRO A 1178 15.00 28.55 -19.59
CA PRO A 1178 13.69 29.20 -19.41
C PRO A 1178 13.32 30.17 -20.52
N ILE A 1179 14.29 30.89 -21.06
CA ILE A 1179 14.01 31.93 -22.06
C ILE A 1179 13.47 31.31 -23.34
N ASP A 1180 14.13 30.26 -23.83
CA ASP A 1180 13.65 29.61 -25.06
C ASP A 1180 12.31 28.92 -24.85
N PHE A 1181 12.07 28.39 -23.65
CA PHE A 1181 10.78 27.77 -23.37
C PHE A 1181 9.67 28.81 -23.34
N LEU A 1182 9.97 30.02 -22.85
CA LEU A 1182 8.96 31.07 -22.86
C LEU A 1182 8.69 31.62 -24.25
N GLU A 1183 9.71 31.72 -25.11
CA GLU A 1183 9.42 32.08 -26.50
C GLU A 1183 8.76 30.94 -27.26
N ALA A 1184 8.86 29.72 -26.76
CA ALA A 1184 8.06 28.64 -27.33
C ALA A 1184 6.58 28.81 -27.07
N LYS A 1185 6.19 29.51 -26.00
CA LYS A 1185 4.79 29.59 -25.59
C LYS A 1185 4.08 30.84 -26.10
N GLY A 1186 4.74 31.71 -26.85
CA GLY A 1186 4.15 32.94 -27.32
C GLY A 1186 4.73 34.20 -26.69
N TYR A 1187 5.48 34.07 -25.59
CA TYR A 1187 6.03 35.25 -24.93
C TYR A 1187 7.37 35.65 -25.55
N LYS A 1188 7.43 36.85 -26.13
CA LYS A 1188 8.68 37.46 -26.58
C LYS A 1188 8.92 38.77 -25.84
N GLU A 1189 10.13 39.32 -26.05
CA GLU A 1189 10.74 40.36 -25.19
C GLU A 1189 10.49 40.08 -23.71
N VAL A 1190 10.83 38.86 -23.29
CA VAL A 1190 10.69 38.47 -21.89
C VAL A 1190 11.84 39.06 -21.08
N LYS A 1191 11.50 39.79 -20.02
CA LYS A 1191 12.50 40.27 -19.09
C LYS A 1191 12.92 39.13 -18.17
N LYS A 1192 14.20 38.76 -18.25
CA LYS A 1192 14.66 37.52 -17.61
C LYS A 1192 14.76 37.68 -16.10
N ASP A 1193 15.23 38.83 -15.63
CA ASP A 1193 15.50 39.00 -14.20
C ASP A 1193 14.23 39.10 -13.36
N LEU A 1194 13.09 39.40 -13.97
CA LEU A 1194 11.83 39.47 -13.24
C LEU A 1194 11.08 38.15 -13.25
N ILE A 1195 11.68 37.09 -13.77
CA ILE A 1195 11.09 35.75 -13.64
C ILE A 1195 11.22 35.31 -12.20
N ILE A 1196 10.08 35.10 -11.54
CA ILE A 1196 10.05 34.64 -10.16
C ILE A 1196 9.35 33.28 -10.13
N LYS A 1197 9.89 32.36 -9.34
CA LYS A 1197 9.32 31.03 -9.22
C LYS A 1197 8.31 31.01 -8.08
N LEU A 1198 7.09 30.58 -8.37
CA LEU A 1198 6.01 30.52 -7.39
C LEU A 1198 5.57 29.07 -7.20
N PRO A 1199 6.00 28.42 -6.12
CA PRO A 1199 5.52 27.06 -5.83
C PRO A 1199 4.09 27.04 -5.36
N LYS A 1200 3.56 25.85 -5.09
CA LYS A 1200 2.25 25.72 -4.48
C LYS A 1200 2.29 26.27 -3.06
N TYR A 1201 1.16 26.81 -2.61
CA TYR A 1201 1.01 27.48 -1.32
C TYR A 1201 1.92 28.70 -1.19
N SER A 1202 2.09 29.43 -2.29
CA SER A 1202 2.72 30.74 -2.21
C SER A 1202 1.73 31.76 -1.67
N LEU A 1203 2.19 32.58 -0.72
CA LEU A 1203 1.32 33.49 0.01
C LEU A 1203 1.33 34.88 -0.62
N PHE A 1204 0.14 35.41 -0.87
CA PHE A 1204 -0.04 36.77 -1.36
C PHE A 1204 -0.94 37.53 -0.41
N GLU A 1205 -0.65 38.80 -0.20
CA GLU A 1205 -1.48 39.67 0.64
C GLU A 1205 -2.11 40.76 -0.21
N LEU A 1206 -3.40 41.00 0.02
CA LEU A 1206 -4.16 42.00 -0.72
C LEU A 1206 -4.79 42.99 0.25
N GLU A 1207 -5.72 43.81 -0.26
CA GLU A 1207 -6.30 44.89 0.53
C GLU A 1207 -7.09 44.36 1.72
N ASN A 1208 -7.13 45.19 2.77
CA ASN A 1208 -7.83 44.90 4.04
C ASN A 1208 -7.30 43.63 4.69
N GLY A 1209 -6.02 43.34 4.50
CA GLY A 1209 -5.43 42.16 5.11
C GLY A 1209 -5.88 40.84 4.52
N ARG A 1210 -6.44 40.85 3.31
CA ARG A 1210 -6.89 39.62 2.68
C ARG A 1210 -5.70 38.85 2.13
N LYS A 1211 -5.59 37.59 2.52
CA LYS A 1211 -4.47 36.73 2.12
C LYS A 1211 -4.99 35.58 1.28
N ARG A 1212 -4.34 35.36 0.13
CA ARG A 1212 -4.68 34.30 -0.80
C ARG A 1212 -3.48 33.41 -1.03
N MET A 1213 -3.72 32.12 -1.07
CA MET A 1213 -2.68 31.11 -1.21
C MET A 1213 -2.75 30.49 -2.60
N LEU A 1214 -1.60 30.45 -3.28
CA LEU A 1214 -1.55 29.99 -4.66
C LEU A 1214 -1.56 28.47 -4.68
N ALA A 1215 -2.68 27.87 -5.10
CA ALA A 1215 -2.77 26.43 -5.22
C ALA A 1215 -2.34 25.91 -6.58
N SER A 1216 -2.41 26.76 -7.61
CA SER A 1216 -2.00 26.43 -8.97
C SER A 1216 -1.92 27.74 -9.74
N ALA A 1217 -1.65 27.64 -11.03
CA ALA A 1217 -1.59 28.84 -11.87
C ALA A 1217 -2.96 29.50 -12.02
N LYS A 1218 -4.04 28.72 -11.90
CA LYS A 1218 -5.39 29.22 -12.14
C LYS A 1218 -6.32 28.87 -10.99
N GLN A 1219 -5.77 28.74 -9.78
CA GLN A 1219 -6.55 28.46 -8.58
C GLN A 1219 -5.89 29.11 -7.39
N LEU A 1220 -6.69 29.76 -6.54
CA LEU A 1220 -6.22 30.29 -5.27
C LEU A 1220 -6.85 29.51 -4.12
N GLN A 1221 -6.46 29.87 -2.90
CA GLN A 1221 -6.96 29.19 -1.71
C GLN A 1221 -7.09 30.22 -0.60
N LYS A 1222 -7.97 29.93 0.36
CA LYS A 1222 -8.15 30.80 1.51
C LYS A 1222 -6.91 30.73 2.40
N GLY A 1223 -6.44 31.89 2.85
CA GLY A 1223 -5.21 31.94 3.62
C GLY A 1223 -5.27 32.80 4.86
N ASN A 1224 -6.48 33.09 5.35
CA ASN A 1224 -6.65 33.91 6.53
C ASN A 1224 -7.20 33.09 7.68
N GLU A 1225 -6.75 33.41 8.89
CA GLU A 1225 -7.15 32.74 10.11
C GLU A 1225 -8.17 33.58 10.87
N LEU A 1226 -9.27 32.95 11.26
CA LEU A 1226 -10.25 33.61 12.13
C LEU A 1226 -9.81 33.39 13.57
N ALA A 1227 -9.30 34.45 14.19
CA ALA A 1227 -8.74 34.41 15.54
C ALA A 1227 -9.82 34.72 16.58
N LEU A 1228 -10.70 33.74 16.73
CA LEU A 1228 -11.88 33.91 17.56
C LEU A 1228 -11.47 33.87 19.04
N PRO A 1229 -11.96 34.77 19.88
CA PRO A 1229 -11.54 34.80 21.28
C PRO A 1229 -11.89 33.53 22.04
N SER A 1230 -11.06 33.22 23.04
CA SER A 1230 -11.03 31.90 23.67
C SER A 1230 -12.31 31.58 24.44
N LYS A 1231 -12.99 32.60 24.98
CA LYS A 1231 -14.22 32.37 25.72
C LYS A 1231 -15.31 31.76 24.84
N TYR A 1232 -15.38 32.16 23.57
CA TYR A 1232 -16.37 31.61 22.67
C TYR A 1232 -15.97 30.22 22.18
N VAL A 1233 -14.67 29.93 22.09
CA VAL A 1233 -14.24 28.57 21.79
C VAL A 1233 -14.60 27.63 22.94
N ASN A 1234 -14.46 28.13 24.17
CA ASN A 1234 -14.95 27.39 25.34
C ASN A 1234 -16.46 27.18 25.26
N PHE A 1235 -17.19 28.23 24.87
CA PHE A 1235 -18.64 28.15 24.69
C PHE A 1235 -19.02 27.07 23.68
N LEU A 1236 -18.31 27.03 22.54
CA LEU A 1236 -18.58 26.00 21.52
C LEU A 1236 -18.22 24.60 22.00
N TYR A 1237 -17.12 24.44 22.75
CA TYR A 1237 -16.80 23.07 23.14
C TYR A 1237 -17.80 22.58 24.18
N LEU A 1238 -18.22 23.47 25.10
CA LEU A 1238 -19.17 23.06 26.12
C LEU A 1238 -20.55 22.85 25.54
N ALA A 1239 -20.89 23.58 24.48
CA ALA A 1239 -22.17 23.38 23.81
C ALA A 1239 -22.24 22.03 23.12
N SER A 1240 -21.13 21.58 22.54
CA SER A 1240 -21.03 20.22 22.06
C SER A 1240 -20.68 19.29 23.22
N HIS A 1241 -20.75 17.99 22.94
CA HIS A 1241 -20.52 16.91 23.92
C HIS A 1241 -21.31 17.15 25.20
N TYR A 1242 -22.61 17.39 25.03
CA TYR A 1242 -23.43 17.92 26.12
C TYR A 1242 -23.67 16.90 27.22
N GLU A 1243 -23.69 15.61 26.88
CA GLU A 1243 -23.97 14.57 27.87
C GLU A 1243 -22.98 13.42 27.80
N LYS A 1244 -21.76 13.65 27.31
CA LYS A 1244 -20.75 12.61 27.22
C LYS A 1244 -19.43 13.07 27.84
N LEU A 1245 -19.51 13.87 28.91
CA LEU A 1245 -18.29 14.31 29.60
C LEU A 1245 -17.65 13.15 30.36
N LYS A 1246 -18.48 12.29 30.96
CA LYS A 1246 -18.05 11.16 31.81
C LYS A 1246 -17.15 11.63 32.94
N GLY A 1247 -17.52 12.76 33.56
CA GLY A 1247 -16.77 13.26 34.70
C GLY A 1247 -17.51 13.05 36.02
N SER A 1248 -18.06 14.12 36.57
CA SER A 1248 -18.88 14.07 37.76
C SER A 1248 -20.19 14.80 37.50
N PRO A 1249 -21.27 14.40 38.17
CA PRO A 1249 -22.57 15.06 37.94
C PRO A 1249 -22.58 16.54 38.24
N GLU A 1250 -21.87 16.97 39.29
CA GLU A 1250 -21.80 18.38 39.61
C GLU A 1250 -21.09 19.16 38.51
N ASP A 1251 -19.99 18.60 37.99
CA ASP A 1251 -19.26 19.26 36.91
C ASP A 1251 -20.06 19.27 35.62
N ASN A 1252 -20.71 18.15 35.31
CA ASN A 1252 -21.51 18.05 34.07
C ASN A 1252 -22.65 19.07 34.09
N GLU A 1253 -23.41 19.10 35.18
CA GLU A 1253 -24.51 20.06 35.28
C GLU A 1253 -24.00 21.50 35.34
N GLN A 1254 -22.82 21.70 35.94
CA GLN A 1254 -22.22 23.03 35.95
C GLN A 1254 -21.85 23.49 34.54
N LYS A 1255 -21.26 22.60 33.74
CA LYS A 1255 -20.94 22.96 32.35
C LYS A 1255 -22.21 23.27 31.57
N GLN A 1256 -23.26 22.46 31.76
CA GLN A 1256 -24.51 22.69 31.04
C GLN A 1256 -25.15 24.03 31.42
N LEU A 1257 -25.26 24.32 32.71
CA LEU A 1257 -25.88 25.58 33.12
C LEU A 1257 -25.02 26.77 32.76
N PHE A 1258 -23.70 26.62 32.85
CA PHE A 1258 -22.78 27.71 32.53
C PHE A 1258 -22.79 28.03 31.05
N VAL A 1259 -22.92 27.02 30.20
CA VAL A 1259 -22.98 27.27 28.76
C VAL A 1259 -24.37 27.78 28.36
N GLU A 1260 -25.41 27.40 29.11
CA GLU A 1260 -26.74 27.96 28.86
C GLU A 1260 -26.79 29.44 29.24
N GLN A 1261 -26.05 29.85 30.27
CA GLN A 1261 -26.00 31.27 30.63
C GLN A 1261 -25.29 32.12 29.58
N HIS A 1262 -24.57 31.51 28.64
CA HIS A 1262 -23.87 32.23 27.60
C HIS A 1262 -24.48 32.07 26.21
N LYS A 1263 -25.71 31.57 26.11
CA LYS A 1263 -26.29 31.12 24.83
C LYS A 1263 -26.38 32.24 23.78
N HIS A 1264 -26.40 33.51 24.20
CA HIS A 1264 -26.32 34.64 23.28
C HIS A 1264 -25.00 34.72 22.51
N TYR A 1265 -23.98 34.00 22.98
CA TYR A 1265 -22.74 33.90 22.23
C TYR A 1265 -22.96 33.27 20.86
N LEU A 1266 -23.98 32.42 20.71
CA LEU A 1266 -24.35 31.89 19.39
C LEU A 1266 -24.66 32.99 18.39
N ASP A 1267 -25.56 33.90 18.78
CA ASP A 1267 -25.95 35.01 17.92
C ASP A 1267 -24.85 36.06 17.79
N GLU A 1268 -23.85 36.04 18.66
CA GLU A 1268 -22.71 36.92 18.37
C GLU A 1268 -21.66 36.26 17.48
N ILE A 1269 -21.45 34.94 17.62
CA ILE A 1269 -20.46 34.22 16.82
C ILE A 1269 -20.91 34.12 15.36
N ILE A 1270 -22.22 34.03 15.09
CA ILE A 1270 -22.65 34.07 13.70
C ILE A 1270 -22.30 35.42 13.06
N GLU A 1271 -22.33 36.49 13.84
CA GLU A 1271 -21.92 37.80 13.37
C GLU A 1271 -20.40 37.92 13.23
N GLN A 1272 -19.65 37.23 14.08
CA GLN A 1272 -18.20 37.10 13.89
C GLN A 1272 -17.88 36.44 12.55
N ILE A 1273 -18.56 35.33 12.26
CA ILE A 1273 -18.40 34.63 10.99
C ILE A 1273 -18.73 35.57 9.84
N SER A 1274 -19.81 36.34 9.99
CA SER A 1274 -20.23 37.27 8.94
C SER A 1274 -19.18 38.34 8.67
N GLU A 1275 -18.63 38.96 9.73
CA GLU A 1275 -17.67 40.04 9.50
C GLU A 1275 -16.38 39.50 8.88
N PHE A 1276 -15.89 38.36 9.36
CA PHE A 1276 -14.61 37.86 8.88
C PHE A 1276 -14.74 37.35 7.45
N SER A 1277 -15.86 36.69 7.15
CA SER A 1277 -16.09 36.18 5.79
C SER A 1277 -16.36 37.31 4.80
N LYS A 1278 -17.07 38.35 5.23
CA LYS A 1278 -17.29 39.49 4.36
C LYS A 1278 -16.01 40.27 4.14
N ARG A 1279 -15.08 40.23 5.10
CA ARG A 1279 -13.85 40.98 4.95
C ARG A 1279 -12.88 40.29 4.01
N VAL A 1280 -12.62 38.99 4.22
CA VAL A 1280 -11.55 38.32 3.50
C VAL A 1280 -12.00 37.12 2.69
N ILE A 1281 -13.18 36.52 2.91
CA ILE A 1281 -13.57 35.35 2.14
C ILE A 1281 -14.31 35.73 0.86
N LEU A 1282 -15.19 36.74 0.94
CA LEU A 1282 -15.94 37.27 -0.22
C LEU A 1282 -16.79 36.18 -0.87
N ALA A 1283 -17.70 35.62 -0.08
CA ALA A 1283 -18.57 34.52 -0.51
C ALA A 1283 -20.02 34.87 -0.25
N ASP A 1284 -20.45 36.04 -0.75
CA ASP A 1284 -21.66 36.71 -0.28
C ASP A 1284 -22.92 35.86 -0.45
N ALA A 1285 -23.02 35.13 -1.57
CA ALA A 1285 -24.19 34.26 -1.77
C ALA A 1285 -24.23 33.15 -0.72
N ASN A 1286 -23.07 32.54 -0.44
CA ASN A 1286 -23.00 31.55 0.62
C ASN A 1286 -23.28 32.17 1.98
N LEU A 1287 -22.85 33.43 2.19
CA LEU A 1287 -23.16 34.13 3.43
C LEU A 1287 -24.66 34.30 3.63
N ASP A 1288 -25.37 34.73 2.59
CA ASP A 1288 -26.82 34.87 2.69
C ASP A 1288 -27.50 33.52 2.89
N LYS A 1289 -26.97 32.47 2.26
CA LYS A 1289 -27.52 31.13 2.43
C LYS A 1289 -27.41 30.65 3.88
N VAL A 1290 -26.22 30.77 4.47
CA VAL A 1290 -26.06 30.32 5.86
C VAL A 1290 -26.76 31.25 6.85
N LEU A 1291 -26.90 32.55 6.53
CA LEU A 1291 -27.65 33.44 7.42
C LEU A 1291 -29.14 33.09 7.42
N SER A 1292 -29.71 32.83 6.23
CA SER A 1292 -31.11 32.42 6.15
C SER A 1292 -31.33 31.08 6.85
N ALA A 1293 -30.41 30.13 6.64
CA ALA A 1293 -30.56 28.82 7.26
C ALA A 1293 -30.36 28.87 8.77
N TYR A 1294 -29.52 29.77 9.26
CA TYR A 1294 -29.39 29.99 10.71
C TYR A 1294 -30.65 30.63 11.28
N ASN A 1295 -31.23 31.59 10.57
CA ASN A 1295 -32.41 32.29 11.07
C ASN A 1295 -33.61 31.36 11.12
N LYS A 1296 -33.80 30.53 10.08
CA LYS A 1296 -34.95 29.66 10.04
C LYS A 1296 -34.75 28.36 10.84
N HIS A 1297 -33.55 28.11 11.34
CA HIS A 1297 -33.27 27.05 12.32
C HIS A 1297 -32.76 27.61 13.65
N ARG A 1298 -33.33 28.73 14.11
CA ARG A 1298 -32.87 29.31 15.36
C ARG A 1298 -33.39 28.54 16.57
N ASP A 1299 -34.56 27.93 16.46
CA ASP A 1299 -35.27 27.39 17.62
C ASP A 1299 -34.86 25.97 17.97
N LYS A 1300 -33.93 25.37 17.23
CA LYS A 1300 -33.47 24.01 17.54
C LYS A 1300 -32.50 24.01 18.72
N PRO A 1301 -32.43 22.90 19.46
CA PRO A 1301 -31.64 22.86 20.71
C PRO A 1301 -30.13 22.98 20.50
N ILE A 1302 -29.43 22.90 21.64
CA ILE A 1302 -28.01 23.24 21.71
C ILE A 1302 -27.14 22.25 20.95
N ARG A 1303 -27.45 20.95 21.03
CA ARG A 1303 -26.60 19.90 20.46
C ARG A 1303 -26.40 20.04 18.95
N GLU A 1304 -27.46 19.83 18.17
CA GLU A 1304 -27.30 19.75 16.72
C GLU A 1304 -27.00 21.12 16.11
N GLN A 1305 -27.51 22.19 16.72
CA GLN A 1305 -27.09 23.54 16.33
C GLN A 1305 -25.61 23.76 16.59
N ALA A 1306 -25.13 23.32 17.75
CA ALA A 1306 -23.75 23.53 18.15
C ALA A 1306 -22.79 22.66 17.36
N GLU A 1307 -23.28 21.61 16.74
CA GLU A 1307 -22.46 20.81 15.85
C GLU A 1307 -22.43 21.42 14.43
N ASN A 1308 -23.56 22.01 14.01
CA ASN A 1308 -23.57 22.62 12.68
C ASN A 1308 -22.78 23.92 12.63
N ILE A 1309 -22.74 24.70 13.72
CA ILE A 1309 -21.86 25.88 13.66
C ILE A 1309 -20.40 25.45 13.61
N ILE A 1310 -20.07 24.29 14.20
CA ILE A 1310 -18.73 23.73 14.07
C ILE A 1310 -18.42 23.42 12.62
N HIS A 1311 -19.37 22.83 11.88
CA HIS A 1311 -19.03 22.63 10.45
C HIS A 1311 -19.11 23.91 9.61
N LEU A 1312 -19.75 24.99 10.07
CA LEU A 1312 -19.65 26.24 9.30
C LEU A 1312 -18.25 26.86 9.30
N PHE A 1313 -17.37 26.46 10.21
CA PHE A 1313 -16.01 26.97 10.10
C PHE A 1313 -15.24 26.43 8.89
N THR A 1314 -15.80 25.47 8.15
CA THR A 1314 -15.23 25.11 6.86
C THR A 1314 -15.26 26.30 5.89
N LEU A 1315 -16.24 27.19 6.05
CA LEU A 1315 -16.29 28.41 5.24
C LEU A 1315 -15.07 29.29 5.50
N THR A 1316 -14.68 29.43 6.77
CA THR A 1316 -13.60 30.33 7.16
C THR A 1316 -12.24 29.65 7.32
N ARG A 1317 -12.16 28.34 7.14
CA ARG A 1317 -10.92 27.61 7.39
C ARG A 1317 -9.95 27.78 6.22
N LEU A 1318 -8.66 27.91 6.54
CA LEU A 1318 -7.62 28.01 5.52
C LEU A 1318 -7.56 26.74 4.68
N GLY A 1319 -7.30 26.92 3.39
CA GLY A 1319 -7.12 25.81 2.48
C GLY A 1319 -7.99 25.89 1.25
N ALA A 1320 -8.27 24.74 0.64
CA ALA A 1320 -9.20 24.73 -0.48
C ALA A 1320 -10.63 24.87 0.06
N PRO A 1321 -11.51 25.57 -0.67
CA PRO A 1321 -12.91 25.69 -0.24
C PRO A 1321 -13.63 24.36 -0.39
N ARG A 1322 -14.15 23.85 0.71
CA ARG A 1322 -14.84 22.57 0.74
C ARG A 1322 -16.33 22.77 0.97
N ALA A 1323 -17.12 21.77 0.60
CA ALA A 1323 -18.58 21.82 0.73
C ALA A 1323 -18.96 21.32 2.10
N PHE A 1324 -19.30 22.24 3.01
CA PHE A 1324 -19.81 21.87 4.32
C PHE A 1324 -21.32 21.78 4.27
N LYS A 1325 -21.93 21.38 5.37
CA LYS A 1325 -23.35 21.10 5.40
C LYS A 1325 -23.96 21.54 6.72
N TYR A 1326 -25.13 22.15 6.63
CA TYR A 1326 -25.96 22.58 7.75
C TYR A 1326 -26.94 21.47 8.12
N PHE A 1327 -27.99 21.83 8.88
CA PHE A 1327 -29.03 20.91 9.32
C PHE A 1327 -29.56 20.06 8.17
N ASP A 1328 -30.08 20.71 7.15
CA ASP A 1328 -30.61 20.04 5.96
C ASP A 1328 -29.95 20.51 4.67
N THR A 1329 -29.69 21.80 4.53
CA THR A 1329 -29.12 22.33 3.31
C THR A 1329 -27.63 22.05 3.22
N THR A 1330 -27.15 21.89 1.99
CA THR A 1330 -25.74 21.69 1.70
C THR A 1330 -25.25 22.84 0.82
N ILE A 1331 -24.19 23.49 1.25
CA ILE A 1331 -23.68 24.68 0.59
C ILE A 1331 -22.49 24.30 -0.28
N ASP A 1332 -22.62 24.54 -1.57
CA ASP A 1332 -21.53 24.27 -2.52
C ASP A 1332 -20.38 25.26 -2.29
N PRO A 1333 -19.14 24.82 -2.51
CA PRO A 1333 -18.00 25.72 -2.24
C PRO A 1333 -17.91 26.84 -3.25
N LYS A 1334 -17.36 27.96 -2.81
CA LYS A 1334 -17.07 29.10 -3.69
C LYS A 1334 -15.61 28.96 -4.11
N GLN A 1335 -15.40 28.66 -5.39
CA GLN A 1335 -14.06 28.38 -5.90
C GLN A 1335 -13.43 29.66 -6.45
N TYR A 1336 -12.17 29.89 -6.08
CA TYR A 1336 -11.42 31.05 -6.54
C TYR A 1336 -10.60 30.65 -7.77
N ARG A 1337 -11.30 30.44 -8.87
CA ARG A 1337 -10.66 30.01 -10.12
C ARG A 1337 -10.17 31.19 -10.94
N SER A 1338 -9.43 32.10 -10.30
CA SER A 1338 -8.94 33.30 -10.97
C SER A 1338 -7.73 33.81 -10.20
N THR A 1339 -6.55 33.72 -10.81
CA THR A 1339 -5.32 34.25 -10.22
C THR A 1339 -4.92 35.57 -10.83
N LYS A 1340 -5.87 36.33 -11.37
CA LYS A 1340 -5.56 37.64 -11.91
C LYS A 1340 -5.39 38.69 -10.81
N GLU A 1341 -5.98 38.47 -9.64
CA GLU A 1341 -5.91 39.47 -8.58
C GLU A 1341 -4.58 39.47 -7.84
N VAL A 1342 -3.78 38.40 -7.93
CA VAL A 1342 -2.49 38.37 -7.26
C VAL A 1342 -1.37 38.94 -8.11
N LEU A 1343 -1.69 39.45 -9.31
CA LEU A 1343 -0.68 40.08 -10.15
C LEU A 1343 -0.20 41.40 -9.55
N ASP A 1344 -1.06 42.06 -8.76
CA ASP A 1344 -0.73 43.33 -8.12
C ASP A 1344 -0.66 43.23 -6.60
N ALA A 1345 -0.66 42.01 -6.05
CA ALA A 1345 -0.66 41.82 -4.62
C ALA A 1345 0.76 41.87 -4.08
N THR A 1346 0.92 41.65 -2.78
CA THR A 1346 2.22 41.65 -2.13
C THR A 1346 2.57 40.20 -1.79
N LEU A 1347 3.53 39.65 -2.54
CA LEU A 1347 3.97 38.28 -2.32
C LEU A 1347 4.83 38.22 -1.07
N ILE A 1348 4.55 37.24 -0.21
CA ILE A 1348 5.29 37.06 1.04
C ILE A 1348 6.13 35.81 0.90
N HIS A 1349 7.44 35.97 1.03
CA HIS A 1349 8.37 34.84 1.12
C HIS A 1349 8.60 34.58 2.60
N GLN A 1350 7.89 33.60 3.14
CA GLN A 1350 7.83 33.35 4.58
C GLN A 1350 8.80 32.23 4.94
N SER A 1351 9.61 32.45 5.97
CA SER A 1351 10.57 31.45 6.42
C SER A 1351 9.85 30.22 6.98
N ILE A 1352 10.66 29.21 7.35
CA ILE A 1352 10.11 27.98 7.91
C ILE A 1352 9.44 28.25 9.24
N THR A 1353 9.99 29.17 10.02
CA THR A 1353 9.25 29.67 11.17
C THR A 1353 8.41 30.90 10.84
N GLY A 1354 8.66 31.54 9.69
CA GLY A 1354 7.85 32.67 9.28
C GLY A 1354 8.13 33.96 9.99
N LEU A 1355 9.12 34.01 10.88
CA LEU A 1355 9.40 35.23 11.61
C LEU A 1355 10.25 36.18 10.76
N TYR A 1356 10.99 35.64 9.80
CA TYR A 1356 11.66 36.44 8.77
C TYR A 1356 10.85 36.36 7.49
N GLU A 1357 10.56 37.50 6.88
CA GLU A 1357 9.81 37.56 5.64
C GLU A 1357 10.53 38.44 4.62
N THR A 1358 10.25 38.17 3.34
CA THR A 1358 10.67 39.02 2.24
C THR A 1358 9.42 39.40 1.46
N ARG A 1359 8.98 40.64 1.59
CA ARG A 1359 7.75 41.11 0.96
C ARG A 1359 8.10 41.80 -0.34
N ILE A 1360 7.56 41.29 -1.45
CA ILE A 1360 7.78 41.85 -2.78
C ILE A 1360 6.46 42.40 -3.28
N ASP A 1361 6.45 43.69 -3.63
CA ASP A 1361 5.27 44.34 -4.18
C ASP A 1361 5.29 44.14 -5.69
N LEU A 1362 4.46 43.22 -6.17
CA LEU A 1362 4.44 42.89 -7.60
C LEU A 1362 3.81 43.97 -8.46
N SER A 1363 3.09 44.93 -7.87
CA SER A 1363 2.50 46.01 -8.65
C SER A 1363 3.56 46.96 -9.20
N GLN A 1364 4.75 46.98 -8.63
CA GLN A 1364 5.86 47.78 -9.12
C GLN A 1364 6.63 47.10 -10.24
N LEU A 1365 6.28 45.87 -10.58
CA LEU A 1365 6.93 45.13 -11.66
C LEU A 1365 6.04 45.13 -12.89
N GLY A 1366 6.59 45.56 -14.02
CA GLY A 1366 5.84 45.61 -15.26
C GLY A 1366 4.78 46.69 -15.29
#